data_9KNP
#
_entry.id   9KNP
#
_cell.length_a   68.890
_cell.length_b   75.580
_cell.length_c   166.500
_cell.angle_alpha   90.000
_cell.angle_beta   90.000
_cell.angle_gamma   90.000
#
_symmetry.space_group_name_H-M   'P 21 21 21'
#
loop_
_entity.id
_entity.type
_entity.pdbx_description
1 polymer '375aa long hypothetical alchol dehydrogenase'
2 non-polymer 'NICKEL (II) ION'
3 non-polymer NICOTINAMIDE-ADENINE-DINUCLEOTIDE
4 non-polymer 1-BUTANOL
5 water water
#
_entity_poly.entity_id   1
_entity_poly.type   'polypeptide(L)'
_entity_poly.pdbx_seq_one_letter_code
;MTFFLKTTILMGRGSLENIKKLVSEGERVLVFSSKSMDRLGFLKEVIDYLDEAGATYESITGLPSEPSIENVEELLPKVK
DFSPETFIALGGGSVIDISKALKVFYDAPELDFDSVAIFSRFKKAQPLPKLKTKLIAVPSTSGAGSEVSAATVIKKGDIK
YTIVSPELCPNYAILDPRLPENMPREVARNSGLDVLVHAIEAYVSKASTPFSDAMAVKAARTILEKLEDSVNGDPTAREE
VHYAATMAGIAFLNGRLGLVHAMSHKAAWIGPHGLINAILLPYVMEFNMEKAREKYDAMAKELGLSNAEELLQKVKELNE
RLNVPKLSEIVSEEDFTSRLDEMSRKAYEDPLVNFNPVEPSVDDIKNIYLRAFHDWSHPQFEK
;
_entity_poly.pdbx_strand_id   A,B
#
# COMPACT_ATOMS: atom_id res chain seq x y z
N MET A 1 -7.50 13.49 -3.06
CA MET A 1 -7.12 12.32 -2.21
C MET A 1 -6.31 11.30 -3.03
N THR A 2 -5.14 10.94 -2.52
CA THR A 2 -4.12 10.13 -3.23
C THR A 2 -3.63 9.04 -2.28
N PHE A 3 -3.20 7.91 -2.84
CA PHE A 3 -2.51 6.84 -2.11
C PHE A 3 -1.46 6.23 -3.03
N PHE A 4 -0.21 6.23 -2.55
CA PHE A 4 0.90 5.55 -3.25
C PHE A 4 1.83 4.89 -2.24
N LEU A 5 2.78 4.16 -2.81
CA LEU A 5 3.92 3.56 -2.09
C LEU A 5 5.06 3.40 -3.08
N LYS A 6 6.17 4.11 -2.89
CA LYS A 6 7.34 4.09 -3.81
C LYS A 6 8.23 2.90 -3.48
N THR A 7 8.11 2.35 -2.27
CA THR A 7 9.11 1.43 -1.67
C THR A 7 8.64 0.00 -1.94
N THR A 8 9.57 -0.88 -2.34
CA THR A 8 9.36 -2.33 -2.33
C THR A 8 9.80 -2.83 -0.96
N ILE A 9 8.89 -3.44 -0.21
CA ILE A 9 9.12 -3.92 1.19
C ILE A 9 9.43 -5.42 1.16
N LEU A 10 10.61 -5.81 1.63
CA LEU A 10 11.01 -7.22 1.90
C LEU A 10 11.05 -7.43 3.41
N MET A 11 10.50 -8.56 3.88
CA MET A 11 10.29 -8.79 5.31
C MET A 11 10.58 -10.25 5.66
N GLY A 12 10.82 -10.50 6.95
CA GLY A 12 10.93 -11.85 7.54
C GLY A 12 12.27 -11.97 8.26
N ARG A 13 12.34 -12.82 9.28
CA ARG A 13 13.63 -13.13 9.94
C ARG A 13 14.60 -13.64 8.87
N GLY A 14 15.79 -13.02 8.78
CA GLY A 14 16.83 -13.35 7.78
C GLY A 14 16.68 -12.56 6.48
N SER A 15 15.63 -11.73 6.32
CA SER A 15 15.37 -11.02 5.03
C SER A 15 16.52 -10.06 4.70
N LEU A 16 17.45 -9.82 5.64
CA LEU A 16 18.66 -9.01 5.39
C LEU A 16 19.47 -9.62 4.24
N GLU A 17 19.29 -10.91 3.98
CA GLU A 17 20.05 -11.64 2.92
C GLU A 17 19.62 -11.15 1.53
N ASN A 18 18.43 -10.55 1.41
CA ASN A 18 17.89 -10.04 0.12
C ASN A 18 18.88 -9.07 -0.53
N ILE A 19 19.68 -8.38 0.28
CA ILE A 19 20.73 -7.43 -0.20
C ILE A 19 21.51 -8.10 -1.35
N LYS A 20 21.76 -9.42 -1.25
CA LYS A 20 22.48 -10.20 -2.29
C LYS A 20 21.75 -10.03 -3.63
N LYS A 21 20.43 -10.12 -3.62
CA LYS A 21 19.58 -10.17 -4.84
C LYS A 21 19.32 -8.75 -5.36
N LEU A 22 19.49 -7.72 -4.53
CA LEU A 22 19.12 -6.32 -4.87
C LEU A 22 20.30 -5.60 -5.56
N VAL A 23 21.50 -6.17 -5.43
CA VAL A 23 22.78 -5.56 -5.87
C VAL A 23 23.44 -6.48 -6.91
N SER A 24 24.00 -5.88 -7.95
CA SER A 24 24.59 -6.58 -9.13
C SER A 24 26.11 -6.58 -9.04
N GLU A 25 26.74 -7.53 -9.73
CA GLU A 25 28.21 -7.60 -9.89
C GLU A 25 28.75 -6.24 -10.35
N GLY A 26 29.65 -5.66 -9.56
CA GLY A 26 30.29 -4.36 -9.86
C GLY A 26 29.41 -3.16 -9.57
N GLU A 27 28.25 -3.33 -8.93
CA GLU A 27 27.42 -2.18 -8.45
C GLU A 27 28.20 -1.47 -7.33
N ARG A 28 28.25 -0.14 -7.39
CA ARG A 28 29.00 0.71 -6.43
C ARG A 28 28.10 1.06 -5.25
N VAL A 29 28.31 0.38 -4.12
CA VAL A 29 27.40 0.46 -2.94
C VAL A 29 28.15 1.16 -1.80
N LEU A 30 27.50 2.15 -1.21
CA LEU A 30 27.94 2.84 0.03
C LEU A 30 26.95 2.48 1.15
N VAL A 31 27.49 1.84 2.19
CA VAL A 31 26.75 1.40 3.40
C VAL A 31 26.97 2.45 4.48
N PHE A 32 25.86 2.99 4.99
CA PHE A 32 25.84 3.86 6.19
C PHE A 32 25.30 3.04 7.36
N SER A 33 25.94 3.09 8.52
CA SER A 33 25.47 2.29 9.69
C SER A 33 25.67 3.08 10.99
N SER A 34 24.80 2.80 11.96
CA SER A 34 24.95 3.23 13.37
C SER A 34 26.08 2.43 14.05
N LYS A 35 26.54 2.96 15.18
CA LYS A 35 27.45 2.25 16.12
C LYS A 35 26.81 0.91 16.53
N SER A 36 25.50 0.92 16.81
CA SER A 36 24.70 -0.24 17.26
C SER A 36 24.82 -1.39 16.25
N MET A 37 24.53 -1.08 14.98
CA MET A 37 24.44 -2.11 13.90
C MET A 37 25.84 -2.64 13.56
N ASP A 38 26.88 -1.84 13.79
CA ASP A 38 28.30 -2.27 13.69
C ASP A 38 28.59 -3.26 14.83
N ARG A 39 28.41 -2.81 16.08
CA ARG A 39 28.78 -3.57 17.30
C ARG A 39 28.07 -4.93 17.27
N LEU A 40 26.79 -4.94 16.90
CA LEU A 40 25.90 -6.12 17.02
C LEU A 40 26.11 -7.08 15.85
N GLY A 41 26.90 -6.73 14.83
CA GLY A 41 27.35 -7.67 13.79
C GLY A 41 26.56 -7.58 12.49
N PHE A 42 25.56 -6.70 12.42
CA PHE A 42 24.66 -6.52 11.24
C PHE A 42 25.41 -5.86 10.07
N LEU A 43 26.31 -4.92 10.37
CA LEU A 43 27.18 -4.31 9.32
C LEU A 43 28.01 -5.41 8.64
N LYS A 44 28.72 -6.23 9.42
CA LYS A 44 29.50 -7.38 8.89
C LYS A 44 28.58 -8.23 7.99
N GLU A 45 27.36 -8.49 8.45
CA GLU A 45 26.39 -9.33 7.69
C GLU A 45 26.11 -8.67 6.32
N VAL A 46 25.90 -7.35 6.27
CA VAL A 46 25.66 -6.61 4.99
C VAL A 46 26.92 -6.68 4.11
N ILE A 47 28.10 -6.44 4.68
CA ILE A 47 29.40 -6.47 3.94
C ILE A 47 29.57 -7.86 3.30
N ASP A 48 29.24 -8.93 4.02
CA ASP A 48 29.44 -10.33 3.54
C ASP A 48 28.50 -10.60 2.36
N TYR A 49 27.26 -10.08 2.42
CA TYR A 49 26.28 -10.14 1.29
C TYR A 49 26.81 -9.37 0.07
N LEU A 50 27.37 -8.18 0.27
CA LEU A 50 27.91 -7.34 -0.83
C LEU A 50 29.11 -8.04 -1.45
N ASP A 51 29.91 -8.71 -0.61
CA ASP A 51 31.10 -9.51 -1.04
C ASP A 51 30.60 -10.67 -1.89
N GLU A 52 29.58 -11.41 -1.45
CA GLU A 52 29.01 -12.56 -2.20
C GLU A 52 28.41 -12.08 -3.52
N ALA A 53 27.85 -10.86 -3.55
CA ALA A 53 27.22 -10.25 -4.75
C ALA A 53 28.28 -9.78 -5.75
N GLY A 54 29.55 -9.75 -5.33
CA GLY A 54 30.68 -9.15 -6.08
C GLY A 54 30.47 -7.67 -6.37
N ALA A 55 29.90 -6.93 -5.41
CA ALA A 55 29.67 -5.47 -5.51
C ALA A 55 30.97 -4.74 -5.23
N THR A 56 31.01 -3.47 -5.62
CA THR A 56 32.10 -2.53 -5.29
C THR A 56 31.61 -1.63 -4.16
N TYR A 57 32.15 -1.79 -2.95
CA TYR A 57 31.50 -1.20 -1.76
C TYR A 57 32.53 -0.52 -0.87
N GLU A 58 31.95 0.29 0.01
CA GLU A 58 32.66 0.98 1.10
C GLU A 58 31.62 1.24 2.21
N SER A 59 32.11 1.42 3.43
CA SER A 59 31.28 1.45 4.65
C SER A 59 31.61 2.74 5.39
N ILE A 60 30.60 3.54 5.72
CA ILE A 60 30.72 4.68 6.68
C ILE A 60 29.90 4.31 7.91
N THR A 61 30.51 4.29 9.09
CA THR A 61 29.81 3.87 10.32
C THR A 61 29.88 4.95 11.41
N GLY A 62 29.22 4.66 12.53
CA GLY A 62 29.02 5.57 13.67
C GLY A 62 28.32 6.85 13.27
N LEU A 63 27.28 6.78 12.45
CA LEU A 63 26.40 7.94 12.15
C LEU A 63 25.67 8.35 13.44
N PRO A 64 25.60 9.66 13.75
CA PRO A 64 24.97 10.12 14.99
C PRO A 64 23.44 9.96 15.03
N SER A 65 22.88 10.01 16.25
CA SER A 65 21.42 10.17 16.50
C SER A 65 21.02 11.62 16.26
N GLU A 66 19.75 11.88 15.97
CA GLU A 66 19.20 13.27 15.83
C GLU A 66 20.13 14.12 14.97
N PRO A 67 20.20 13.82 13.65
CA PRO A 67 21.18 14.41 12.74
C PRO A 67 20.89 15.90 12.44
N SER A 68 21.97 16.66 12.26
CA SER A 68 22.00 18.10 11.87
C SER A 68 22.41 18.22 10.40
N ILE A 69 22.19 19.39 9.81
CA ILE A 69 22.69 19.71 8.44
C ILE A 69 24.22 19.63 8.44
N GLU A 70 24.88 20.00 9.54
CA GLU A 70 26.37 19.92 9.67
C GLU A 70 26.82 18.44 9.61
N ASN A 71 26.10 17.56 10.31
CA ASN A 71 26.33 16.09 10.30
C ASN A 71 26.35 15.59 8.84
N VAL A 72 25.37 16.03 8.05
CA VAL A 72 25.18 15.63 6.62
C VAL A 72 26.36 16.16 5.81
N GLU A 73 26.65 17.46 5.91
CA GLU A 73 27.70 18.15 5.09
C GLU A 73 29.07 17.51 5.32
N GLU A 74 29.34 17.02 6.53
CA GLU A 74 30.65 16.43 6.89
C GLU A 74 30.85 15.09 6.16
N LEU A 75 29.76 14.38 5.86
CA LEU A 75 29.79 13.04 5.19
C LEU A 75 29.83 13.19 3.66
N LEU A 76 29.34 14.33 3.14
CA LEU A 76 29.07 14.50 1.69
C LEU A 76 30.33 14.33 0.85
N PRO A 77 31.51 14.81 1.29
CA PRO A 77 32.73 14.65 0.50
C PRO A 77 33.13 13.18 0.30
N LYS A 78 32.97 12.35 1.33
CA LYS A 78 33.20 10.87 1.25
C LYS A 78 32.28 10.27 0.19
N VAL A 79 31.01 10.66 0.19
CA VAL A 79 29.99 10.21 -0.81
C VAL A 79 30.53 10.57 -2.20
N LYS A 80 30.82 11.84 -2.46
CA LYS A 80 31.23 12.31 -3.83
C LYS A 80 32.51 11.57 -4.23
N ASP A 81 33.41 11.33 -3.28
CA ASP A 81 34.72 10.69 -3.56
C ASP A 81 34.51 9.24 -4.05
N PHE A 82 33.59 8.49 -3.43
CA PHE A 82 33.34 7.06 -3.73
C PHE A 82 32.46 6.92 -4.98
N SER A 83 31.59 7.90 -5.27
CA SER A 83 30.70 7.90 -6.47
C SER A 83 29.87 6.62 -6.51
N PRO A 84 29.04 6.38 -5.46
CA PRO A 84 28.12 5.24 -5.44
C PRO A 84 26.97 5.34 -6.45
N GLU A 85 26.41 4.19 -6.81
CA GLU A 85 25.11 4.07 -7.52
C GLU A 85 24.00 3.78 -6.50
N THR A 86 24.37 3.28 -5.31
CA THR A 86 23.44 2.69 -4.33
C THR A 86 23.91 3.02 -2.91
N PHE A 87 22.96 3.42 -2.06
CA PHE A 87 23.11 3.59 -0.59
C PHE A 87 22.42 2.42 0.11
N ILE A 88 23.04 1.84 1.15
CA ILE A 88 22.31 1.00 2.14
C ILE A 88 22.33 1.74 3.48
N ALA A 89 21.14 1.96 4.05
CA ALA A 89 20.99 2.69 5.32
C ALA A 89 20.60 1.67 6.40
N LEU A 90 21.58 1.32 7.24
CA LEU A 90 21.48 0.27 8.28
C LEU A 90 21.50 0.93 9.66
N GLY A 91 20.32 1.03 10.29
CA GLY A 91 20.15 1.68 11.60
C GLY A 91 18.76 2.22 11.75
N GLY A 92 18.62 3.26 12.58
CA GLY A 92 17.33 3.84 12.97
C GLY A 92 16.81 4.83 11.94
N GLY A 93 15.73 5.53 12.27
CA GLY A 93 15.29 6.72 11.52
C GLY A 93 16.46 7.68 11.28
N SER A 94 17.34 7.85 12.28
CA SER A 94 18.50 8.79 12.22
C SER A 94 19.37 8.44 11.01
N VAL A 95 19.69 7.16 10.84
CA VAL A 95 20.61 6.67 9.76
C VAL A 95 19.89 6.79 8.42
N ILE A 96 18.62 6.38 8.36
CA ILE A 96 17.83 6.44 7.10
C ILE A 96 17.68 7.92 6.71
N ASP A 97 17.50 8.81 7.67
CA ASP A 97 17.32 10.26 7.37
C ASP A 97 18.64 10.86 6.89
N ILE A 98 19.77 10.50 7.49
CA ILE A 98 21.12 10.97 7.04
C ILE A 98 21.31 10.56 5.57
N SER A 99 20.92 9.34 5.22
CA SER A 99 21.11 8.76 3.87
C SER A 99 20.23 9.50 2.85
N LYS A 100 18.99 9.77 3.21
CA LYS A 100 18.05 10.55 2.34
C LYS A 100 18.63 11.93 2.05
N ALA A 101 19.12 12.62 3.08
CA ALA A 101 19.70 13.97 2.96
C ALA A 101 20.95 13.92 2.07
N LEU A 102 21.77 12.89 2.21
CA LEU A 102 22.95 12.71 1.34
C LEU A 102 22.50 12.42 -0.10
N LYS A 103 21.42 11.66 -0.27
CA LYS A 103 20.86 11.37 -1.62
C LYS A 103 20.52 12.69 -2.33
N VAL A 104 19.85 13.61 -1.65
CA VAL A 104 19.46 14.93 -2.25
C VAL A 104 20.73 15.62 -2.76
N PHE A 105 21.70 15.84 -1.87
CA PHE A 105 22.82 16.79 -2.08
C PHE A 105 23.87 16.17 -3.01
N TYR A 106 23.90 14.84 -3.08
CA TYR A 106 24.76 14.07 -4.01
C TYR A 106 24.15 14.07 -5.41
N ASP A 107 22.85 13.79 -5.52
CA ASP A 107 22.14 13.65 -6.83
C ASP A 107 21.74 15.01 -7.38
N ALA A 108 21.55 16.04 -6.54
CA ALA A 108 21.11 17.39 -6.97
C ALA A 108 22.06 18.45 -6.37
N PRO A 109 23.32 18.50 -6.85
CA PRO A 109 24.38 19.30 -6.20
C PRO A 109 24.25 20.80 -6.43
N GLU A 110 23.26 21.24 -7.21
CA GLU A 110 22.84 22.66 -7.36
C GLU A 110 21.97 23.09 -6.17
N LEU A 111 21.38 22.15 -5.45
CA LEU A 111 20.44 22.42 -4.33
C LEU A 111 21.18 22.35 -3.00
N ASP A 112 21.09 23.42 -2.21
CA ASP A 112 21.54 23.50 -0.80
C ASP A 112 20.35 23.25 0.13
N PHE A 113 20.63 22.96 1.40
CA PHE A 113 19.61 22.70 2.45
C PHE A 113 18.59 23.85 2.47
N ASP A 114 19.09 25.07 2.42
CA ASP A 114 18.28 26.29 2.65
C ASP A 114 17.26 26.47 1.52
N SER A 115 17.43 25.76 0.40
CA SER A 115 16.51 25.92 -0.77
C SER A 115 15.38 24.89 -0.72
N VAL A 116 15.53 23.80 0.04
CA VAL A 116 14.62 22.61 -0.04
C VAL A 116 13.97 22.32 1.32
N ALA A 117 14.58 22.73 2.43
CA ALA A 117 14.02 22.51 3.78
C ALA A 117 12.80 23.42 3.98
N ILE A 118 11.71 22.87 4.54
CA ILE A 118 10.45 23.65 4.75
C ILE A 118 10.55 24.36 6.10
N PHE A 119 11.29 25.47 6.15
CA PHE A 119 11.48 26.30 7.38
C PHE A 119 10.13 26.79 7.88
N SER A 120 9.23 27.19 6.97
CA SER A 120 7.92 27.80 7.28
C SER A 120 6.94 27.39 6.18
N ARG A 121 5.78 26.86 6.59
CA ARG A 121 4.67 26.55 5.64
C ARG A 121 4.20 27.83 4.93
N PHE A 122 4.66 29.02 5.32
CA PHE A 122 4.27 30.30 4.65
C PHE A 122 5.30 30.73 3.62
N LYS A 123 6.36 29.93 3.40
CA LYS A 123 7.46 30.24 2.43
C LYS A 123 7.73 29.02 1.56
N LYS A 124 7.82 29.24 0.24
CA LYS A 124 8.04 28.15 -0.75
C LYS A 124 9.41 27.49 -0.56
N ALA A 125 9.43 26.17 -0.61
CA ALA A 125 10.63 25.32 -0.77
C ALA A 125 10.69 24.82 -2.22
N GLN A 126 11.90 24.57 -2.71
CA GLN A 126 12.14 24.01 -4.07
C GLN A 126 11.77 22.53 -4.07
N PRO A 127 11.02 22.09 -5.09
CA PRO A 127 10.82 20.65 -5.31
C PRO A 127 12.11 19.98 -5.78
N LEU A 128 12.23 18.67 -5.54
CA LEU A 128 13.45 17.90 -5.87
C LEU A 128 13.33 17.42 -7.31
N PRO A 129 14.41 17.51 -8.11
CA PRO A 129 14.46 16.76 -9.37
C PRO A 129 14.53 15.25 -9.11
N LYS A 130 14.50 14.45 -10.17
CA LYS A 130 14.71 12.99 -10.11
C LYS A 130 16.07 12.71 -9.46
N LEU A 131 16.07 11.89 -8.42
CA LEU A 131 17.28 11.46 -7.66
C LEU A 131 17.55 9.98 -8.00
N LYS A 132 18.63 9.72 -8.74
CA LYS A 132 18.86 8.41 -9.41
C LYS A 132 19.50 7.39 -8.45
N THR A 133 20.19 7.83 -7.40
CA THR A 133 20.86 6.90 -6.46
C THR A 133 19.82 5.96 -5.83
N LYS A 134 20.06 4.64 -5.88
CA LYS A 134 19.16 3.65 -5.25
C LYS A 134 19.38 3.72 -3.74
N LEU A 135 18.30 3.73 -2.96
CA LEU A 135 18.34 3.71 -1.47
C LEU A 135 17.62 2.45 -0.96
N ILE A 136 18.38 1.58 -0.27
CA ILE A 136 17.88 0.39 0.48
C ILE A 136 17.92 0.74 1.97
N ALA A 137 16.74 0.90 2.60
CA ALA A 137 16.60 1.23 4.03
C ALA A 137 16.40 -0.06 4.83
N VAL A 138 17.13 -0.20 5.94
CA VAL A 138 17.04 -1.40 6.81
C VAL A 138 16.88 -0.93 8.26
N PRO A 139 15.63 -0.65 8.69
CA PRO A 139 15.42 -0.03 9.99
C PRO A 139 15.78 -0.99 11.13
N SER A 140 16.38 -0.45 12.18
CA SER A 140 16.79 -1.20 13.39
C SER A 140 15.83 -0.95 14.55
N THR A 141 14.93 0.04 14.44
CA THR A 141 13.92 0.39 15.49
C THR A 141 12.51 0.10 14.95
N SER A 142 11.49 0.20 15.81
CA SER A 142 10.11 -0.17 15.47
C SER A 142 9.14 0.86 16.05
N GLY A 143 9.21 2.11 15.58
CA GLY A 143 10.08 2.56 14.51
C GLY A 143 9.59 3.88 13.93
N ALA A 144 10.42 4.51 13.14
CA ALA A 144 10.19 5.87 12.60
C ALA A 144 9.33 5.82 11.32
N GLY A 145 9.34 4.70 10.60
CA GLY A 145 8.66 4.57 9.30
C GLY A 145 9.43 5.29 8.19
N SER A 146 10.63 5.79 8.46
CA SER A 146 11.46 6.52 7.46
C SER A 146 11.77 5.63 6.26
N GLU A 147 11.80 4.30 6.46
CA GLU A 147 12.07 3.29 5.40
C GLU A 147 11.04 3.35 4.27
N VAL A 148 9.87 3.98 4.47
CA VAL A 148 8.88 4.22 3.37
C VAL A 148 8.52 5.70 3.19
N SER A 149 8.83 6.57 4.14
CA SER A 149 8.32 7.96 4.10
C SER A 149 9.06 8.78 3.02
N ALA A 150 8.45 9.92 2.68
CA ALA A 150 8.95 10.92 1.72
C ALA A 150 9.73 12.03 2.44
N ALA A 151 9.96 11.89 3.74
CA ALA A 151 10.52 12.95 4.60
C ALA A 151 11.91 12.54 5.10
N THR A 152 12.78 13.52 5.31
CA THR A 152 13.97 13.40 6.18
C THR A 152 13.92 14.56 7.16
N VAL A 153 14.14 14.25 8.45
CA VAL A 153 14.01 15.22 9.56
C VAL A 153 15.43 15.61 9.98
N ILE A 154 15.84 16.84 9.65
CA ILE A 154 17.23 17.31 9.86
C ILE A 154 17.18 18.57 10.72
N LYS A 155 18.09 18.67 11.69
CA LYS A 155 18.21 19.82 12.61
C LYS A 155 19.05 20.92 11.98
N LYS A 156 18.59 22.16 12.13
CA LYS A 156 19.39 23.39 11.96
C LYS A 156 19.10 24.31 13.14
N GLY A 157 20.10 24.55 13.97
CA GLY A 157 19.97 25.32 15.22
C GLY A 157 19.03 24.67 16.24
N ASP A 158 19.15 23.35 16.45
CA ASP A 158 18.40 22.54 17.47
C ASP A 158 16.88 22.58 17.20
N ILE A 159 16.45 22.98 16.01
CA ILE A 159 15.05 22.78 15.54
C ILE A 159 15.07 21.75 14.41
N LYS A 160 14.17 20.77 14.49
CA LYS A 160 13.94 19.79 13.41
C LYS A 160 13.16 20.49 12.30
N TYR A 161 13.68 20.41 11.08
CA TYR A 161 12.98 20.76 9.81
C TYR A 161 12.96 19.54 8.90
N THR A 162 12.09 19.56 7.90
CA THR A 162 11.89 18.44 6.95
C THR A 162 12.28 18.89 5.55
N ILE A 163 12.83 17.96 4.78
CA ILE A 163 12.73 17.92 3.30
C ILE A 163 11.75 16.80 2.97
N VAL A 164 10.72 17.14 2.20
CA VAL A 164 9.65 16.18 1.83
C VAL A 164 9.57 16.11 0.31
N SER A 165 9.79 14.92 -0.23
CA SER A 165 9.69 14.63 -1.68
C SER A 165 9.44 13.14 -1.84
N PRO A 166 8.52 12.71 -2.73
CA PRO A 166 8.46 11.32 -3.17
C PRO A 166 9.81 10.75 -3.68
N GLU A 167 10.72 11.62 -4.12
CA GLU A 167 12.06 11.20 -4.59
C GLU A 167 12.87 10.64 -3.41
N LEU A 168 12.52 11.04 -2.20
CA LEU A 168 13.26 10.63 -0.99
C LEU A 168 12.77 9.25 -0.53
N CYS A 169 11.58 8.82 -0.96
CA CYS A 169 11.05 7.48 -0.60
C CYS A 169 12.11 6.45 -0.91
N PRO A 170 12.54 5.61 0.05
CA PRO A 170 13.50 4.56 -0.23
C PRO A 170 13.01 3.59 -1.32
N ASN A 171 13.90 3.24 -2.25
CA ASN A 171 13.58 2.26 -3.33
C ASN A 171 13.14 0.93 -2.71
N TYR A 172 13.80 0.51 -1.64
CA TYR A 172 13.58 -0.78 -0.95
C TYR A 172 13.63 -0.57 0.57
N ALA A 173 12.77 -1.26 1.29
CA ALA A 173 12.84 -1.42 2.76
C ALA A 173 13.01 -2.90 3.08
N ILE A 174 13.95 -3.24 3.96
CA ILE A 174 14.10 -4.62 4.50
C ILE A 174 13.71 -4.59 5.97
N LEU A 175 12.72 -5.41 6.31
CA LEU A 175 12.14 -5.49 7.67
C LEU A 175 12.46 -6.86 8.24
N ASP A 176 13.57 -6.91 8.98
CA ASP A 176 14.18 -8.14 9.52
C ASP A 176 14.15 -8.00 11.03
N PRO A 177 13.13 -8.63 11.67
CA PRO A 177 12.89 -8.46 13.11
C PRO A 177 14.08 -8.83 14.00
N ARG A 178 15.09 -9.54 13.46
CA ARG A 178 16.33 -9.87 14.20
C ARG A 178 17.00 -8.58 14.69
N LEU A 179 16.85 -7.48 13.94
CA LEU A 179 17.53 -6.19 14.26
C LEU A 179 16.85 -5.56 15.47
N PRO A 180 15.53 -5.28 15.41
CA PRO A 180 14.86 -4.63 16.53
C PRO A 180 14.78 -5.48 17.80
N GLU A 181 14.87 -6.82 17.71
CA GLU A 181 14.97 -7.71 18.90
C GLU A 181 16.10 -7.24 19.82
N ASN A 182 17.01 -6.39 19.33
CA ASN A 182 18.22 -5.91 20.06
C ASN A 182 17.98 -4.53 20.68
N MET A 183 16.86 -3.85 20.43
CA MET A 183 16.56 -2.53 21.04
C MET A 183 16.54 -2.65 22.56
N PRO A 184 17.21 -1.74 23.29
CA PRO A 184 16.98 -1.60 24.73
C PRO A 184 15.52 -1.24 25.02
N ARG A 185 15.05 -1.58 26.22
CA ARG A 185 13.63 -1.39 26.63
C ARG A 185 13.12 0.00 26.25
N GLU A 186 13.85 1.06 26.60
CA GLU A 186 13.37 2.46 26.43
C GLU A 186 13.29 2.80 24.93
N VAL A 187 14.23 2.33 24.11
CA VAL A 187 14.20 2.47 22.62
C VAL A 187 13.01 1.67 22.06
N ALA A 188 12.73 0.45 22.53
CA ALA A 188 11.53 -0.30 22.09
C ALA A 188 10.27 0.50 22.50
N ARG A 189 10.22 1.02 23.71
CA ARG A 189 9.02 1.77 24.17
C ARG A 189 8.84 3.02 23.29
N ASN A 190 9.89 3.84 23.19
CA ASN A 190 9.77 5.20 22.59
C ASN A 190 9.35 5.07 21.12
N SER A 191 10.05 4.22 20.39
CA SER A 191 9.86 4.02 18.93
C SER A 191 8.51 3.33 18.69
N GLY A 192 8.06 2.47 19.61
CA GLY A 192 6.75 1.80 19.58
C GLY A 192 5.61 2.79 19.83
N LEU A 193 5.79 3.73 20.75
CA LEU A 193 4.76 4.77 20.98
C LEU A 193 4.74 5.73 19.79
N ASP A 194 5.87 5.94 19.11
CA ASP A 194 5.88 6.83 17.91
C ASP A 194 5.02 6.22 16.81
N VAL A 195 4.99 4.88 16.74
CA VAL A 195 4.11 4.14 15.80
C VAL A 195 2.66 4.57 16.05
N LEU A 196 2.25 4.50 17.32
CA LEU A 196 0.87 4.82 17.72
C LEU A 196 0.56 6.28 17.42
N VAL A 197 1.49 7.19 17.72
CA VAL A 197 1.35 8.64 17.37
C VAL A 197 1.15 8.78 15.85
N HIS A 198 2.05 8.23 15.02
CA HIS A 198 1.94 8.20 13.54
C HIS A 198 0.56 7.69 13.12
N ALA A 199 0.11 6.56 13.65
CA ALA A 199 -1.15 5.90 13.23
C ALA A 199 -2.36 6.82 13.53
N ILE A 200 -2.36 7.48 14.69
CA ILE A 200 -3.54 8.29 15.11
C ILE A 200 -3.55 9.58 14.30
N GLU A 201 -2.39 10.22 14.14
CA GLU A 201 -2.23 11.49 13.38
C GLU A 201 -2.63 11.27 11.91
N ALA A 202 -2.18 10.16 11.29
CA ALA A 202 -2.49 9.84 9.87
C ALA A 202 -3.98 9.60 9.69
N TYR A 203 -4.64 8.99 10.66
CA TYR A 203 -6.08 8.61 10.58
C TYR A 203 -6.95 9.86 10.66
N VAL A 204 -6.59 10.81 11.53
CA VAL A 204 -7.44 12.01 11.78
C VAL A 204 -6.99 13.17 10.87
N SER A 205 -5.93 12.98 10.08
CA SER A 205 -5.40 14.01 9.13
C SER A 205 -6.50 14.40 8.12
N LYS A 206 -6.42 15.64 7.62
CA LYS A 206 -7.26 16.12 6.51
C LYS A 206 -6.99 15.26 5.26
N ALA A 207 -5.81 14.66 5.16
CA ALA A 207 -5.31 13.95 3.95
C ALA A 207 -5.67 12.46 4.03
N SER A 208 -6.34 12.02 5.10
CA SER A 208 -6.64 10.58 5.34
C SER A 208 -7.48 10.07 4.17
N THR A 209 -7.25 8.81 3.80
CA THR A 209 -8.13 8.03 2.88
C THR A 209 -8.45 6.69 3.52
N PRO A 210 -9.40 5.91 2.95
CA PRO A 210 -9.62 4.53 3.42
C PRO A 210 -8.36 3.63 3.33
N PHE A 211 -7.52 3.89 2.31
CA PHE A 211 -6.27 3.14 2.04
C PHE A 211 -5.24 3.37 3.16
N SER A 212 -4.94 4.63 3.46
CA SER A 212 -4.07 5.00 4.60
C SER A 212 -4.72 4.55 5.92
N ASP A 213 -6.06 4.64 6.02
CA ASP A 213 -6.79 4.36 7.28
C ASP A 213 -6.62 2.89 7.64
N ALA A 214 -6.65 1.99 6.65
CA ALA A 214 -6.54 0.52 6.86
C ALA A 214 -5.18 0.19 7.48
N MET A 215 -4.12 0.80 6.97
CA MET A 215 -2.75 0.65 7.52
C MET A 215 -2.67 1.31 8.92
N ALA A 216 -3.31 2.47 9.11
CA ALA A 216 -3.21 3.26 10.36
C ALA A 216 -3.92 2.51 11.48
N VAL A 217 -5.10 1.96 11.19
CA VAL A 217 -5.93 1.25 12.21
C VAL A 217 -5.18 -0.04 12.62
N LYS A 218 -4.64 -0.79 11.67
CA LYS A 218 -3.95 -2.06 12.02
C LYS A 218 -2.67 -1.77 12.84
N ALA A 219 -1.87 -0.76 12.46
CA ALA A 219 -0.66 -0.39 13.21
C ALA A 219 -1.05 -0.03 14.65
N ALA A 220 -2.09 0.80 14.82
CA ALA A 220 -2.56 1.26 16.15
C ALA A 220 -2.99 0.02 16.97
N ARG A 221 -3.75 -0.89 16.34
CA ARG A 221 -4.26 -2.11 17.03
C ARG A 221 -3.09 -2.95 17.54
N THR A 222 -2.03 -3.08 16.74
CA THR A 222 -0.82 -3.87 17.09
C THR A 222 -0.11 -3.21 18.27
N ILE A 223 0.11 -1.89 18.24
CA ILE A 223 0.78 -1.21 19.39
C ILE A 223 -0.06 -1.45 20.66
N LEU A 224 -1.36 -1.14 20.65
CA LEU A 224 -2.24 -1.23 21.84
C LEU A 224 -2.22 -2.66 22.41
N GLU A 225 -2.14 -3.68 21.54
CA GLU A 225 -2.25 -5.10 21.96
C GLU A 225 -0.87 -5.64 22.35
N LYS A 226 0.19 -5.28 21.62
CA LYS A 226 1.46 -6.05 21.58
C LYS A 226 2.66 -5.28 22.15
N LEU A 227 2.62 -3.95 22.28
CA LEU A 227 3.83 -3.14 22.55
C LEU A 227 4.41 -3.53 23.93
N GLU A 228 3.56 -3.65 24.94
CA GLU A 228 3.98 -3.99 26.34
C GLU A 228 4.71 -5.35 26.31
N ASP A 229 4.16 -6.30 25.56
CA ASP A 229 4.78 -7.64 25.35
C ASP A 229 6.15 -7.49 24.66
N SER A 230 6.24 -6.62 23.65
CA SER A 230 7.51 -6.40 22.92
C SER A 230 8.54 -5.75 23.86
N VAL A 231 8.13 -4.73 24.62
CA VAL A 231 9.05 -4.00 25.56
C VAL A 231 9.58 -4.99 26.61
N ASN A 232 8.76 -5.98 27.00
CA ASN A 232 9.15 -7.07 27.94
C ASN A 232 10.05 -8.11 27.28
N GLY A 233 10.13 -8.15 25.95
CA GLY A 233 11.16 -8.87 25.19
C GLY A 233 10.60 -10.06 24.42
N ASP A 234 9.28 -10.08 24.21
CA ASP A 234 8.58 -11.15 23.45
C ASP A 234 8.95 -11.03 21.97
N PRO A 235 9.68 -12.02 21.41
CA PRO A 235 10.17 -11.94 20.03
C PRO A 235 9.02 -11.86 19.03
N THR A 236 7.91 -12.54 19.30
CA THR A 236 6.72 -12.55 18.43
C THR A 236 6.15 -11.13 18.36
N ALA A 237 6.06 -10.45 19.51
CA ALA A 237 5.60 -9.05 19.62
C ALA A 237 6.59 -8.11 18.91
N ARG A 238 7.91 -8.37 19.02
CA ARG A 238 8.98 -7.56 18.36
C ARG A 238 8.81 -7.59 16.83
N GLU A 239 8.44 -8.75 16.27
CA GLU A 239 8.14 -8.88 14.83
C GLU A 239 6.89 -8.08 14.48
N GLU A 240 5.78 -8.33 15.17
CA GLU A 240 4.46 -7.69 14.89
C GLU A 240 4.63 -6.16 14.95
N VAL A 241 5.31 -5.64 15.98
CA VAL A 241 5.49 -4.18 16.17
C VAL A 241 6.42 -3.63 15.08
N HIS A 242 7.44 -4.39 14.68
CA HIS A 242 8.35 -3.96 13.58
C HIS A 242 7.56 -3.78 12.28
N TYR A 243 6.62 -4.67 12.01
CA TYR A 243 5.79 -4.55 10.79
C TYR A 243 4.75 -3.44 10.99
N ALA A 244 4.23 -3.26 12.20
CA ALA A 244 3.27 -2.17 12.47
C ALA A 244 3.95 -0.82 12.24
N ALA A 245 5.22 -0.69 12.62
CA ALA A 245 6.00 0.56 12.44
C ALA A 245 5.99 0.94 10.96
N THR A 246 6.16 -0.02 10.06
CA THR A 246 6.15 0.27 8.61
C THR A 246 4.70 0.53 8.15
N MET A 247 3.71 -0.19 8.68
CA MET A 247 2.28 0.05 8.33
C MET A 247 1.95 1.50 8.64
N ALA A 248 2.40 2.01 9.78
CA ALA A 248 2.15 3.42 10.19
C ALA A 248 2.89 4.37 9.24
N GLY A 249 4.09 3.98 8.80
CA GLY A 249 4.88 4.73 7.81
C GLY A 249 4.14 4.87 6.48
N ILE A 250 3.57 3.79 5.97
CA ILE A 250 2.67 3.83 4.78
C ILE A 250 1.50 4.79 5.03
N ALA A 251 0.89 4.71 6.22
CA ALA A 251 -0.25 5.59 6.59
C ALA A 251 0.16 7.06 6.51
N PHE A 252 1.24 7.46 7.19
CA PHE A 252 1.62 8.90 7.30
C PHE A 252 2.33 9.40 6.03
N LEU A 253 2.89 8.52 5.19
CA LEU A 253 3.41 8.88 3.84
C LEU A 253 2.26 9.52 3.05
N ASN A 254 1.08 8.96 3.19
CA ASN A 254 -0.13 9.35 2.41
C ASN A 254 -0.94 10.33 3.24
N GLY A 255 -1.23 9.96 4.49
CA GLY A 255 -2.11 10.72 5.41
C GLY A 255 -1.42 11.94 5.98
N ARG A 256 -0.09 11.96 5.95
CA ARG A 256 0.73 12.99 6.63
C ARG A 256 0.51 12.87 8.14
N LEU A 257 1.23 13.70 8.90
CA LEU A 257 1.07 13.75 10.37
C LEU A 257 0.32 15.03 10.72
N GLY A 258 0.53 15.56 11.93
CA GLY A 258 -0.31 16.66 12.45
C GLY A 258 0.40 17.48 13.51
N LEU A 259 -0.37 18.07 14.44
CA LEU A 259 0.14 18.95 15.51
C LEU A 259 1.21 18.24 16.34
N VAL A 260 1.06 16.95 16.64
CA VAL A 260 1.98 16.27 17.61
C VAL A 260 3.41 16.44 17.08
N HIS A 261 3.64 16.20 15.79
CA HIS A 261 4.99 16.23 15.16
C HIS A 261 5.44 17.68 14.91
N ALA A 262 4.54 18.59 14.55
CA ALA A 262 4.85 20.05 14.49
C ALA A 262 5.41 20.49 15.85
N MET A 263 4.77 20.10 16.95
CA MET A 263 5.18 20.51 18.32
C MET A 263 6.41 19.71 18.79
N SER A 264 6.58 18.44 18.42
CA SER A 264 7.80 17.67 18.82
C SER A 264 9.04 18.12 18.01
N HIS A 265 8.87 18.38 16.71
CA HIS A 265 9.93 18.97 15.84
C HIS A 265 10.57 20.15 16.55
N LYS A 266 9.73 21.08 17.02
CA LYS A 266 10.15 22.41 17.56
C LYS A 266 10.42 22.32 19.07
N ALA A 267 10.35 21.12 19.65
CA ALA A 267 10.74 20.85 21.05
C ALA A 267 11.89 19.82 21.09
N ALA A 268 12.75 19.84 20.07
CA ALA A 268 13.88 18.88 19.91
C ALA A 268 15.00 19.23 20.90
N TRP A 269 15.05 20.50 21.34
CA TRP A 269 15.99 20.98 22.38
C TRP A 269 15.82 20.20 23.68
N ILE A 270 14.68 19.54 23.91
CA ILE A 270 14.42 18.81 25.17
C ILE A 270 15.12 17.44 25.10
N GLY A 271 15.77 17.05 26.20
CA GLY A 271 16.20 15.67 26.49
C GLY A 271 15.55 15.12 27.76
N PRO A 272 15.60 13.78 27.98
CA PRO A 272 15.96 12.83 26.93
C PRO A 272 15.17 12.97 25.61
N HIS A 273 15.71 12.37 24.53
CA HIS A 273 15.14 12.42 23.15
C HIS A 273 14.09 11.32 22.97
N GLY A 274 13.16 11.51 22.02
CA GLY A 274 12.17 10.51 21.60
C GLY A 274 11.09 10.22 22.64
N LEU A 275 10.90 11.13 23.61
CA LEU A 275 9.80 11.06 24.63
C LEU A 275 8.63 11.96 24.22
N ILE A 276 8.91 13.09 23.57
CA ILE A 276 7.98 14.25 23.56
C ILE A 276 6.73 13.90 22.73
N ASN A 277 6.86 13.09 21.68
CA ASN A 277 5.70 12.63 20.88
C ASN A 277 4.68 11.91 21.79
N ALA A 278 5.14 10.90 22.53
CA ALA A 278 4.28 10.07 23.41
C ALA A 278 3.59 10.98 24.44
N ILE A 279 4.34 11.94 25.00
CA ILE A 279 3.83 12.83 26.07
C ILE A 279 2.76 13.76 25.47
N LEU A 280 2.98 14.33 24.29
CA LEU A 280 2.10 15.40 23.73
C LEU A 280 0.82 14.79 23.16
N LEU A 281 0.85 13.53 22.72
CA LEU A 281 -0.23 12.91 21.91
C LEU A 281 -1.60 13.16 22.58
N PRO A 282 -1.85 12.70 23.83
CA PRO A 282 -3.16 12.87 24.48
C PRO A 282 -3.64 14.33 24.58
N TYR A 283 -2.71 15.27 24.82
CA TYR A 283 -3.03 16.72 24.92
C TYR A 283 -3.46 17.24 23.55
N VAL A 284 -2.83 16.76 22.48
CA VAL A 284 -3.19 17.16 21.10
C VAL A 284 -4.52 16.47 20.72
N MET A 285 -4.72 15.23 21.14
CA MET A 285 -5.99 14.48 20.91
C MET A 285 -7.14 15.27 21.57
N GLU A 286 -6.93 15.73 22.81
CA GLU A 286 -8.01 16.41 23.60
C GLU A 286 -8.32 17.75 22.96
N PHE A 287 -7.31 18.48 22.49
CA PHE A 287 -7.50 19.75 21.75
C PHE A 287 -8.34 19.46 20.49
N ASN A 288 -7.89 18.53 19.64
CA ASN A 288 -8.54 18.23 18.33
C ASN A 288 -9.98 17.71 18.56
N MET A 289 -10.20 16.96 19.63
CA MET A 289 -11.50 16.31 19.94
C MET A 289 -12.56 17.37 20.32
N GLU A 290 -12.16 18.60 20.69
CA GLU A 290 -13.09 19.73 20.92
C GLU A 290 -13.95 19.95 19.67
N LYS A 291 -13.34 20.28 18.52
CA LYS A 291 -14.08 20.73 17.30
C LYS A 291 -14.06 19.64 16.22
N ALA A 292 -13.13 18.68 16.28
CA ALA A 292 -12.98 17.63 15.25
C ALA A 292 -12.98 16.24 15.90
N ARG A 293 -14.07 15.90 16.59
CA ARG A 293 -14.21 14.60 17.33
C ARG A 293 -14.40 13.43 16.36
N GLU A 294 -14.95 13.68 15.16
CA GLU A 294 -15.55 12.65 14.27
C GLU A 294 -14.54 11.54 13.96
N LYS A 295 -13.34 11.89 13.47
CA LYS A 295 -12.39 10.86 12.99
C LYS A 295 -11.79 10.09 14.18
N TYR A 296 -11.77 10.68 15.38
CA TYR A 296 -11.33 9.98 16.61
C TYR A 296 -12.38 8.92 16.99
N ASP A 297 -13.66 9.29 16.93
CA ASP A 297 -14.81 8.36 17.13
C ASP A 297 -14.73 7.22 16.13
N ALA A 298 -14.54 7.53 14.85
CA ALA A 298 -14.43 6.54 13.76
C ALA A 298 -13.30 5.54 14.07
N MET A 299 -12.13 6.03 14.50
CA MET A 299 -10.96 5.13 14.72
C MET A 299 -11.23 4.24 15.93
N ALA A 300 -11.88 4.80 16.96
CA ALA A 300 -12.20 4.09 18.21
C ALA A 300 -13.13 2.91 17.86
N LYS A 301 -14.16 3.17 17.07
CA LYS A 301 -15.12 2.14 16.61
C LYS A 301 -14.34 1.09 15.79
N GLU A 302 -13.42 1.50 14.91
CA GLU A 302 -12.67 0.52 14.07
C GLU A 302 -11.81 -0.37 14.99
N LEU A 303 -11.35 0.18 16.11
CA LEU A 303 -10.46 -0.50 17.08
C LEU A 303 -11.28 -1.30 18.09
N GLY A 304 -12.62 -1.26 17.98
CA GLY A 304 -13.54 -2.05 18.82
C GLY A 304 -13.84 -1.37 20.15
N LEU A 305 -13.54 -0.08 20.26
CA LEU A 305 -13.91 0.76 21.44
C LEU A 305 -15.22 1.50 21.17
N SER A 306 -15.87 2.00 22.21
CA SER A 306 -17.24 2.58 22.10
C SER A 306 -17.15 3.96 21.44
N ASN A 307 -16.08 4.72 21.72
CA ASN A 307 -16.01 6.16 21.35
C ASN A 307 -14.58 6.74 21.50
N ALA A 308 -14.41 7.99 21.05
CA ALA A 308 -13.16 8.78 21.11
C ALA A 308 -12.64 8.85 22.55
N GLU A 309 -13.53 9.04 23.52
CA GLU A 309 -13.18 9.14 24.96
C GLU A 309 -12.44 7.86 25.39
N GLU A 310 -12.89 6.69 24.94
CA GLU A 310 -12.25 5.41 25.31
C GLU A 310 -10.90 5.26 24.59
N LEU A 311 -10.76 5.73 23.34
CA LEU A 311 -9.45 5.70 22.63
C LEU A 311 -8.45 6.58 23.40
N LEU A 312 -8.87 7.77 23.84
CA LEU A 312 -8.01 8.70 24.62
C LEU A 312 -7.55 8.03 25.91
N GLN A 313 -8.47 7.36 26.62
CA GLN A 313 -8.19 6.62 27.89
C GLN A 313 -7.17 5.50 27.61
N LYS A 314 -7.34 4.74 26.53
CA LYS A 314 -6.44 3.61 26.15
C LYS A 314 -5.02 4.12 25.89
N VAL A 315 -4.89 5.29 25.26
CA VAL A 315 -3.57 5.93 24.99
C VAL A 315 -2.91 6.37 26.31
N LYS A 316 -3.64 7.07 27.18
CA LYS A 316 -3.14 7.52 28.50
C LYS A 316 -2.74 6.33 29.39
N GLU A 317 -3.50 5.23 29.34
CA GLU A 317 -3.25 4.04 30.18
C GLU A 317 -2.01 3.30 29.69
N LEU A 318 -1.80 3.21 28.37
CA LEU A 318 -0.61 2.56 27.78
C LEU A 318 0.65 3.37 28.18
N ASN A 319 0.59 4.70 28.04
CA ASN A 319 1.70 5.60 28.43
C ASN A 319 2.03 5.38 29.92
N GLU A 320 0.99 5.30 30.74
CA GLU A 320 1.10 5.07 32.21
C GLU A 320 1.77 3.72 32.47
N ARG A 321 1.31 2.65 31.80
CA ARG A 321 1.82 1.28 32.02
C ARG A 321 3.29 1.16 31.56
N LEU A 322 3.70 1.97 30.56
CA LEU A 322 5.09 1.96 30.04
C LEU A 322 5.95 3.04 30.72
N ASN A 323 5.43 3.71 31.75
CA ASN A 323 6.17 4.66 32.62
C ASN A 323 6.76 5.82 31.81
N VAL A 324 6.02 6.32 30.83
CA VAL A 324 6.36 7.57 30.11
C VAL A 324 6.43 8.69 31.15
N PRO A 325 7.55 9.42 31.27
CA PRO A 325 7.62 10.52 32.24
C PRO A 325 6.63 11.64 31.89
N LYS A 326 6.28 12.44 32.89
CA LYS A 326 5.58 13.74 32.70
C LYS A 326 6.60 14.73 32.10
N LEU A 327 6.11 15.64 31.27
CA LEU A 327 6.95 16.72 30.67
C LEU A 327 7.72 17.45 31.78
N SER A 328 7.06 17.71 32.91
CA SER A 328 7.63 18.48 34.06
C SER A 328 8.82 17.72 34.67
N GLU A 329 8.97 16.42 34.35
CA GLU A 329 10.02 15.54 34.94
C GLU A 329 11.32 15.61 34.12
N ILE A 330 11.28 16.13 32.89
CA ILE A 330 12.41 16.06 31.92
C ILE A 330 12.77 17.46 31.42
N VAL A 331 12.11 18.49 31.95
CA VAL A 331 12.42 19.91 31.66
C VAL A 331 11.99 20.79 32.84
N SER A 332 12.83 21.76 33.19
CA SER A 332 12.54 22.73 34.27
C SER A 332 11.48 23.73 33.80
N GLU A 333 10.74 24.31 34.74
CA GLU A 333 9.66 25.29 34.47
C GLU A 333 10.25 26.56 33.85
N GLU A 334 11.45 26.96 34.27
CA GLU A 334 12.14 28.15 33.74
C GLU A 334 12.54 27.91 32.28
N ASP A 335 13.19 26.79 31.98
CA ASP A 335 13.74 26.51 30.61
C ASP A 335 12.57 26.35 29.63
N PHE A 336 11.53 25.62 30.07
CA PHE A 336 10.24 25.47 29.33
C PHE A 336 9.64 26.87 29.08
N THR A 337 9.53 27.70 30.13
CA THR A 337 8.91 29.04 30.07
C THR A 337 9.68 29.94 29.10
N SER A 338 11.01 29.96 29.16
CA SER A 338 11.84 30.96 28.42
C SER A 338 11.79 30.65 26.91
N ARG A 339 11.44 29.41 26.53
CA ARG A 339 11.48 28.97 25.10
C ARG A 339 10.06 28.83 24.53
N LEU A 340 9.05 28.90 25.39
CA LEU A 340 7.63 28.55 25.06
C LEU A 340 7.14 29.39 23.88
N ASP A 341 7.32 30.72 23.95
CA ASP A 341 6.67 31.68 23.02
C ASP A 341 7.23 31.45 21.61
N GLU A 342 8.56 31.26 21.49
CA GLU A 342 9.24 31.06 20.18
C GLU A 342 8.93 29.66 19.64
N MET A 343 9.02 28.63 20.50
CA MET A 343 8.60 27.24 20.21
C MET A 343 7.19 27.22 19.62
N SER A 344 6.24 27.93 20.24
CA SER A 344 4.82 27.99 19.81
C SER A 344 4.71 28.62 18.42
N ARG A 345 5.48 29.69 18.16
CA ARG A 345 5.51 30.40 16.86
C ARG A 345 6.11 29.51 15.77
N LYS A 346 7.23 28.86 16.06
CA LYS A 346 7.95 27.96 15.12
C LYS A 346 7.06 26.74 14.81
N ALA A 347 6.43 26.15 15.84
CA ALA A 347 5.49 25.01 15.71
C ALA A 347 4.35 25.40 14.76
N TYR A 348 3.83 26.61 14.93
CA TYR A 348 2.69 27.13 14.14
C TYR A 348 3.08 27.19 12.65
N GLU A 349 4.37 27.39 12.35
CA GLU A 349 4.88 27.54 10.96
C GLU A 349 5.17 26.17 10.33
N ASP A 350 5.20 25.10 11.14
CA ASP A 350 5.57 23.75 10.66
C ASP A 350 4.52 23.29 9.64
N PRO A 351 4.92 22.79 8.45
CA PRO A 351 3.96 22.36 7.42
C PRO A 351 2.97 21.26 7.85
N LEU A 352 3.27 20.50 8.90
CA LEU A 352 2.35 19.44 9.41
C LEU A 352 1.07 20.04 10.00
N VAL A 353 1.09 21.33 10.33
CA VAL A 353 -0.11 22.02 10.90
C VAL A 353 -1.24 22.04 9.86
N ASN A 354 -0.89 21.99 8.57
CA ASN A 354 -1.86 22.13 7.44
C ASN A 354 -2.72 20.87 7.36
N PHE A 355 -2.29 19.76 7.96
CA PHE A 355 -2.98 18.45 7.87
C PHE A 355 -3.81 18.19 9.13
N ASN A 356 -3.56 18.94 10.20
CA ASN A 356 -4.22 18.75 11.51
C ASN A 356 -5.71 18.97 11.31
N PRO A 357 -6.58 18.11 11.89
CA PRO A 357 -8.02 18.18 11.65
C PRO A 357 -8.64 19.52 12.09
N VAL A 358 -7.93 20.25 12.95
CA VAL A 358 -8.29 21.64 13.41
C VAL A 358 -7.08 22.55 13.14
N GLU A 359 -7.33 23.74 12.60
CA GLU A 359 -6.29 24.79 12.37
C GLU A 359 -6.03 25.50 13.69
N PRO A 360 -4.86 25.28 14.33
CA PRO A 360 -4.55 25.95 15.58
C PRO A 360 -4.06 27.40 15.35
N SER A 361 -4.36 28.30 16.29
CA SER A 361 -3.61 29.56 16.50
C SER A 361 -2.25 29.23 17.13
N VAL A 362 -1.34 30.21 17.16
CA VAL A 362 -0.11 30.20 18.00
C VAL A 362 -0.53 30.00 19.46
N ASP A 363 -1.55 30.72 19.90
CA ASP A 363 -1.98 30.69 21.32
C ASP A 363 -2.50 29.28 21.65
N ASP A 364 -3.17 28.61 20.71
CA ASP A 364 -3.74 27.25 20.92
C ASP A 364 -2.57 26.28 21.19
N ILE A 365 -1.51 26.36 20.37
CA ILE A 365 -0.30 25.51 20.51
C ILE A 365 0.35 25.80 21.86
N LYS A 366 0.54 27.07 22.21
CA LYS A 366 1.18 27.47 23.48
C LYS A 366 0.42 26.85 24.66
N ASN A 367 -0.91 26.84 24.56
CA ASN A 367 -1.84 26.35 25.60
C ASN A 367 -1.79 24.82 25.67
N ILE A 368 -1.53 24.14 24.55
CA ILE A 368 -1.32 22.66 24.55
C ILE A 368 0.01 22.35 25.27
N TYR A 369 1.09 23.04 24.93
CA TYR A 369 2.40 22.89 25.62
C TYR A 369 2.22 23.07 27.14
N LEU A 370 1.57 24.17 27.54
CA LEU A 370 1.35 24.55 28.96
C LEU A 370 0.55 23.43 29.64
N ARG A 371 -0.49 22.92 28.97
CA ARG A 371 -1.36 21.86 29.53
C ARG A 371 -0.52 20.60 29.82
N ALA A 372 0.37 20.24 28.89
CA ALA A 372 1.23 19.04 29.01
C ALA A 372 2.25 19.27 30.13
N PHE A 373 2.75 20.49 30.27
CA PHE A 373 3.75 20.85 31.32
C PHE A 373 3.09 20.79 32.71
N HIS A 374 2.00 21.54 32.89
CA HIS A 374 1.21 21.60 34.15
C HIS A 374 0.79 20.18 34.56
N ASP A 375 0.19 19.42 33.64
CA ASP A 375 -0.36 18.06 33.91
C ASP A 375 -1.25 18.13 35.16
N TRP A 376 -2.15 19.13 35.21
CA TRP A 376 -2.95 19.48 36.42
C TRP A 376 -4.05 18.42 36.62
N MET B 1 8.96 -12.91 0.98
CA MET B 1 7.84 -12.10 1.53
C MET B 1 7.99 -10.63 1.13
N THR B 2 7.16 -10.18 0.19
CA THR B 2 7.28 -8.87 -0.48
C THR B 2 5.94 -8.12 -0.42
N PHE B 3 6.00 -6.79 -0.32
CA PHE B 3 4.83 -5.91 -0.52
C PHE B 3 5.26 -4.68 -1.33
N PHE B 4 4.57 -4.44 -2.44
CA PHE B 4 4.76 -3.24 -3.29
C PHE B 4 3.42 -2.79 -3.86
N LEU B 5 3.45 -1.59 -4.42
CA LEU B 5 2.34 -0.96 -5.19
C LEU B 5 2.95 0.00 -6.21
N LYS B 6 2.89 -0.37 -7.49
CA LYS B 6 3.50 0.46 -8.57
C LYS B 6 2.54 1.60 -8.96
N THR B 7 1.27 1.54 -8.55
CA THR B 7 0.22 2.44 -9.08
C THR B 7 0.06 3.60 -8.09
N THR B 8 -0.06 4.81 -8.61
CA THR B 8 -0.57 5.96 -7.83
C THR B 8 -2.09 5.98 -7.94
N ILE B 9 -2.77 5.87 -6.79
CA ILE B 9 -4.26 5.86 -6.69
C ILE B 9 -4.73 7.27 -6.33
N LEU B 10 -5.53 7.85 -7.23
CA LEU B 10 -6.29 9.10 -7.07
C LEU B 10 -7.77 8.73 -6.90
N MET B 11 -8.46 9.36 -5.95
CA MET B 11 -9.84 8.94 -5.59
C MET B 11 -10.71 10.14 -5.25
N GLY B 12 -12.00 9.88 -5.06
CA GLY B 12 -13.04 10.84 -4.67
C GLY B 12 -14.04 10.99 -5.80
N ARG B 13 -15.24 11.51 -5.50
CA ARG B 13 -16.21 11.91 -6.56
C ARG B 13 -15.57 13.03 -7.38
N GLY B 14 -15.60 12.90 -8.71
CA GLY B 14 -15.08 13.90 -9.64
C GLY B 14 -13.57 13.80 -9.83
N SER B 15 -12.90 12.79 -9.27
CA SER B 15 -11.43 12.60 -9.39
C SER B 15 -11.04 12.33 -10.85
N LEU B 16 -12.00 11.96 -11.72
CA LEU B 16 -11.79 11.81 -13.20
C LEU B 16 -11.10 13.05 -13.78
N GLU B 17 -11.33 14.23 -13.17
CA GLU B 17 -10.74 15.55 -13.59
C GLU B 17 -9.21 15.55 -13.43
N ASN B 18 -8.63 14.68 -12.60
CA ASN B 18 -7.16 14.50 -12.48
C ASN B 18 -6.50 14.23 -13.84
N ILE B 19 -7.23 13.64 -14.79
CA ILE B 19 -6.69 13.40 -16.15
C ILE B 19 -6.09 14.70 -16.72
N LYS B 20 -6.70 15.84 -16.39
CA LYS B 20 -6.25 17.17 -16.88
C LYS B 20 -4.89 17.51 -16.25
N LYS B 21 -4.58 16.90 -15.10
CA LYS B 21 -3.31 17.10 -14.35
C LYS B 21 -2.22 16.20 -14.92
N LEU B 22 -2.56 14.96 -15.29
CA LEU B 22 -1.61 13.85 -15.59
C LEU B 22 -1.11 13.90 -17.04
N VAL B 23 -1.71 14.77 -17.87
CA VAL B 23 -1.47 14.84 -19.34
C VAL B 23 -0.96 16.24 -19.67
N SER B 24 0.10 16.34 -20.45
CA SER B 24 0.69 17.65 -20.79
C SER B 24 0.36 18.03 -22.24
N GLU B 25 0.57 19.30 -22.59
CA GLU B 25 0.25 19.81 -23.94
C GLU B 25 1.04 18.98 -24.95
N GLY B 26 0.37 18.47 -25.97
CA GLY B 26 1.00 17.75 -27.09
C GLY B 26 1.27 16.30 -26.77
N GLU B 27 0.92 15.84 -25.56
CA GLU B 27 1.04 14.41 -25.19
C GLU B 27 0.12 13.60 -26.11
N ARG B 28 0.61 12.55 -26.72
CA ARG B 28 -0.22 11.65 -27.56
C ARG B 28 -0.94 10.64 -26.66
N VAL B 29 -2.28 10.74 -26.58
CA VAL B 29 -3.10 9.95 -25.64
C VAL B 29 -4.15 9.17 -26.44
N LEU B 30 -4.20 7.86 -26.22
CA LEU B 30 -5.19 6.93 -26.81
C LEU B 30 -6.15 6.47 -25.71
N VAL B 31 -7.43 6.82 -25.83
CA VAL B 31 -8.47 6.45 -24.85
C VAL B 31 -9.18 5.19 -25.34
N PHE B 32 -9.21 4.16 -24.48
CA PHE B 32 -10.02 2.94 -24.65
C PHE B 32 -11.19 3.05 -23.70
N SER B 33 -12.40 2.81 -24.20
CA SER B 33 -13.58 2.74 -23.31
C SER B 33 -14.56 1.66 -23.75
N SER B 34 -15.38 1.26 -22.80
CA SER B 34 -16.53 0.36 -22.98
C SER B 34 -17.68 1.15 -23.63
N LYS B 35 -18.69 0.45 -24.16
CA LYS B 35 -19.89 1.13 -24.69
C LYS B 35 -20.61 1.89 -23.56
N SER B 36 -20.72 1.30 -22.37
CA SER B 36 -21.44 1.93 -21.24
C SER B 36 -20.77 3.25 -20.81
N MET B 37 -19.44 3.34 -20.82
CA MET B 37 -18.73 4.59 -20.43
C MET B 37 -18.87 5.67 -21.51
N ASP B 38 -19.09 5.26 -22.76
CA ASP B 38 -19.46 6.18 -23.88
C ASP B 38 -20.89 6.68 -23.67
N ARG B 39 -21.84 5.76 -23.53
CA ARG B 39 -23.30 6.08 -23.49
C ARG B 39 -23.62 6.95 -22.26
N LEU B 40 -22.96 6.71 -21.13
CA LEU B 40 -23.21 7.44 -19.86
C LEU B 40 -22.42 8.76 -19.80
N GLY B 41 -21.55 9.03 -20.79
CA GLY B 41 -20.96 10.36 -21.00
C GLY B 41 -19.63 10.56 -20.28
N PHE B 42 -19.06 9.48 -19.72
CA PHE B 42 -17.73 9.51 -19.04
C PHE B 42 -16.62 9.63 -20.09
N LEU B 43 -16.79 9.05 -21.28
CA LEU B 43 -15.82 9.20 -22.39
C LEU B 43 -15.77 10.68 -22.80
N LYS B 44 -16.93 11.33 -22.93
CA LYS B 44 -16.97 12.77 -23.32
C LYS B 44 -16.27 13.60 -22.24
N GLU B 45 -16.48 13.27 -20.97
CA GLU B 45 -15.83 13.99 -19.85
C GLU B 45 -14.32 13.87 -19.99
N VAL B 46 -13.80 12.66 -20.29
CA VAL B 46 -12.35 12.41 -20.47
C VAL B 46 -11.83 13.19 -21.70
N ILE B 47 -12.50 13.09 -22.83
CA ILE B 47 -12.08 13.83 -24.06
C ILE B 47 -12.00 15.34 -23.72
N ASP B 48 -12.98 15.86 -22.97
CA ASP B 48 -13.07 17.30 -22.61
C ASP B 48 -11.86 17.72 -21.76
N TYR B 49 -11.41 16.85 -20.84
CA TYR B 49 -10.19 17.06 -20.01
C TYR B 49 -8.96 17.08 -20.90
N LEU B 50 -8.83 16.11 -21.83
CA LEU B 50 -7.69 16.02 -22.77
C LEU B 50 -7.62 17.27 -23.67
N ASP B 51 -8.78 17.75 -24.11
CA ASP B 51 -8.92 19.02 -24.91
C ASP B 51 -8.37 20.18 -24.06
N GLU B 52 -8.81 20.28 -22.80
CA GLU B 52 -8.41 21.35 -21.86
C GLU B 52 -6.90 21.26 -21.61
N ALA B 53 -6.33 20.04 -21.57
CA ALA B 53 -4.88 19.81 -21.38
C ALA B 53 -4.09 20.12 -22.66
N GLY B 54 -4.74 20.30 -23.82
CA GLY B 54 -4.04 20.57 -25.09
C GLY B 54 -3.31 19.34 -25.60
N ALA B 55 -3.87 18.16 -25.30
CA ALA B 55 -3.27 16.86 -25.68
C ALA B 55 -3.60 16.56 -27.15
N THR B 56 -2.84 15.61 -27.71
CA THR B 56 -3.09 15.01 -29.03
C THR B 56 -3.73 13.65 -28.80
N TYR B 57 -5.03 13.50 -29.06
CA TYR B 57 -5.77 12.31 -28.57
C TYR B 57 -6.60 11.70 -29.69
N GLU B 58 -6.95 10.45 -29.42
CA GLU B 58 -7.81 9.58 -30.24
C GLU B 58 -8.57 8.66 -29.29
N SER B 59 -9.80 8.31 -29.65
CA SER B 59 -10.64 7.44 -28.80
C SER B 59 -10.96 6.17 -29.58
N ILE B 60 -10.82 5.02 -28.93
CA ILE B 60 -11.31 3.71 -29.42
C ILE B 60 -12.34 3.19 -28.41
N THR B 61 -13.55 2.91 -28.86
CA THR B 61 -14.68 2.56 -27.97
C THR B 61 -15.27 1.24 -28.45
N GLY B 62 -16.30 0.75 -27.75
CA GLY B 62 -17.03 -0.48 -28.12
C GLY B 62 -16.17 -1.70 -27.84
N LEU B 63 -15.32 -1.64 -26.82
CA LEU B 63 -14.40 -2.75 -26.44
C LEU B 63 -15.20 -3.89 -25.82
N PRO B 64 -14.97 -5.14 -26.27
CA PRO B 64 -15.70 -6.31 -25.76
C PRO B 64 -15.36 -6.63 -24.31
N SER B 65 -16.31 -7.17 -23.53
CA SER B 65 -16.01 -7.81 -22.22
C SER B 65 -15.49 -9.23 -22.47
N GLU B 66 -14.75 -9.78 -21.49
CA GLU B 66 -14.04 -11.08 -21.60
C GLU B 66 -13.26 -11.12 -22.92
N PRO B 67 -12.19 -10.29 -23.06
CA PRO B 67 -11.44 -10.17 -24.31
C PRO B 67 -10.53 -11.36 -24.60
N SER B 68 -10.30 -11.59 -25.90
CA SER B 68 -9.47 -12.68 -26.47
C SER B 68 -8.19 -12.08 -27.02
N ILE B 69 -7.24 -12.93 -27.42
CA ILE B 69 -6.01 -12.48 -28.14
C ILE B 69 -6.39 -11.95 -29.53
N GLU B 70 -7.43 -12.51 -30.16
CA GLU B 70 -7.92 -12.04 -31.49
C GLU B 70 -8.46 -10.60 -31.35
N ASN B 71 -9.19 -10.32 -30.28
CA ASN B 71 -9.69 -8.95 -29.92
C ASN B 71 -8.51 -7.97 -29.89
N VAL B 72 -7.41 -8.37 -29.24
CA VAL B 72 -6.23 -7.50 -28.97
C VAL B 72 -5.48 -7.27 -30.28
N GLU B 73 -5.32 -8.33 -31.08
CA GLU B 73 -4.57 -8.27 -32.36
C GLU B 73 -5.32 -7.37 -33.37
N GLU B 74 -6.65 -7.40 -33.34
CA GLU B 74 -7.53 -6.59 -34.23
C GLU B 74 -7.34 -5.09 -33.94
N LEU B 75 -7.01 -4.72 -32.69
CA LEU B 75 -6.85 -3.30 -32.25
C LEU B 75 -5.40 -2.83 -32.40
N LEU B 76 -4.43 -3.74 -32.37
CA LEU B 76 -2.98 -3.40 -32.31
C LEU B 76 -2.60 -2.45 -33.46
N PRO B 77 -3.05 -2.68 -34.71
CA PRO B 77 -2.65 -1.83 -35.82
C PRO B 77 -3.11 -0.36 -35.64
N LYS B 78 -4.28 -0.15 -35.02
CA LYS B 78 -4.82 1.21 -34.71
C LYS B 78 -3.93 1.92 -33.66
N VAL B 79 -3.46 1.18 -32.67
CA VAL B 79 -2.49 1.69 -31.65
C VAL B 79 -1.21 2.12 -32.36
N LYS B 80 -0.61 1.25 -33.17
CA LYS B 80 0.65 1.54 -33.92
C LYS B 80 0.46 2.75 -34.85
N ASP B 81 -0.70 2.83 -35.51
CA ASP B 81 -1.04 3.94 -36.45
C ASP B 81 -0.96 5.29 -35.72
N PHE B 82 -1.41 5.36 -34.48
CA PHE B 82 -1.62 6.63 -33.74
C PHE B 82 -0.34 7.02 -33.00
N SER B 83 0.48 6.03 -32.66
CA SER B 83 1.81 6.25 -32.01
C SER B 83 1.65 6.95 -30.66
N PRO B 84 0.77 6.43 -29.77
CA PRO B 84 0.53 7.07 -28.47
C PRO B 84 1.72 6.98 -27.50
N GLU B 85 1.79 7.94 -26.57
CA GLU B 85 2.71 7.92 -25.40
C GLU B 85 1.97 7.38 -24.17
N THR B 86 0.64 7.51 -24.15
CA THR B 86 -0.23 7.32 -22.98
C THR B 86 -1.53 6.63 -23.40
N PHE B 87 -1.94 5.61 -22.63
CA PHE B 87 -3.28 4.99 -22.67
C PHE B 87 -4.11 5.49 -21.49
N ILE B 88 -5.40 5.71 -21.74
CA ILE B 88 -6.44 5.80 -20.67
C ILE B 88 -7.44 4.68 -20.89
N ALA B 89 -7.56 3.78 -19.90
CA ALA B 89 -8.49 2.64 -19.92
C ALA B 89 -9.70 3.02 -19.07
N LEU B 90 -10.82 3.32 -19.74
CA LEU B 90 -12.09 3.80 -19.13
C LEU B 90 -13.15 2.70 -19.26
N GLY B 91 -13.42 1.99 -18.16
CA GLY B 91 -14.37 0.85 -18.12
C GLY B 91 -13.96 -0.22 -17.12
N GLY B 92 -14.49 -1.43 -17.30
CA GLY B 92 -14.31 -2.54 -16.35
C GLY B 92 -12.93 -3.17 -16.46
N GLY B 93 -12.69 -4.24 -15.70
CA GLY B 93 -11.49 -5.09 -15.81
C GLY B 93 -11.19 -5.45 -17.25
N SER B 94 -12.22 -5.66 -18.08
CA SER B 94 -12.09 -6.07 -19.49
C SER B 94 -11.32 -5.01 -20.27
N VAL B 95 -11.70 -3.75 -20.09
CA VAL B 95 -11.09 -2.58 -20.80
C VAL B 95 -9.65 -2.38 -20.33
N ILE B 96 -9.41 -2.46 -19.01
CA ILE B 96 -8.04 -2.28 -18.46
C ILE B 96 -7.16 -3.45 -18.91
N ASP B 97 -7.71 -4.65 -18.95
CA ASP B 97 -6.97 -5.87 -19.37
C ASP B 97 -6.59 -5.79 -20.85
N ILE B 98 -7.49 -5.31 -21.71
CA ILE B 98 -7.21 -5.08 -23.16
C ILE B 98 -6.07 -4.07 -23.28
N SER B 99 -6.18 -2.97 -22.54
CA SER B 99 -5.19 -1.85 -22.53
C SER B 99 -3.81 -2.38 -22.11
N LYS B 100 -3.79 -3.27 -21.12
CA LYS B 100 -2.53 -3.89 -20.61
C LYS B 100 -1.93 -4.80 -21.69
N ALA B 101 -2.73 -5.64 -22.34
CA ALA B 101 -2.24 -6.56 -23.40
C ALA B 101 -1.69 -5.72 -24.57
N LEU B 102 -2.40 -4.67 -24.98
CA LEU B 102 -1.93 -3.77 -26.07
C LEU B 102 -0.62 -3.08 -25.67
N LYS B 103 -0.47 -2.66 -24.41
CA LYS B 103 0.79 -2.02 -23.94
C LYS B 103 1.97 -2.99 -24.11
N VAL B 104 1.78 -4.28 -23.85
CA VAL B 104 2.86 -5.30 -24.07
C VAL B 104 3.27 -5.30 -25.56
N PHE B 105 2.31 -5.52 -26.45
CA PHE B 105 2.53 -5.84 -27.89
C PHE B 105 2.90 -4.57 -28.65
N TYR B 106 2.50 -3.40 -28.14
CA TYR B 106 2.93 -2.07 -28.66
C TYR B 106 4.38 -1.77 -28.24
N ASP B 107 4.70 -1.96 -26.95
CA ASP B 107 5.99 -1.54 -26.34
C ASP B 107 7.08 -2.58 -26.63
N ALA B 108 6.72 -3.85 -26.82
CA ALA B 108 7.67 -4.97 -27.06
C ALA B 108 7.21 -5.76 -28.26
N PRO B 109 7.28 -5.16 -29.47
CA PRO B 109 6.70 -5.76 -30.68
C PRO B 109 7.44 -7.05 -31.10
N GLU B 110 8.57 -7.37 -30.47
CA GLU B 110 9.34 -8.63 -30.71
C GLU B 110 8.70 -9.81 -29.95
N LEU B 111 7.80 -9.54 -28.99
CA LEU B 111 7.17 -10.58 -28.15
C LEU B 111 5.74 -10.83 -28.65
N ASP B 112 5.39 -12.10 -28.88
CA ASP B 112 4.01 -12.54 -29.20
C ASP B 112 3.35 -13.04 -27.90
N PHE B 113 2.02 -13.11 -27.90
CA PHE B 113 1.21 -13.71 -26.82
C PHE B 113 1.79 -15.08 -26.40
N ASP B 114 2.14 -15.92 -27.39
CA ASP B 114 2.50 -17.34 -27.12
C ASP B 114 3.83 -17.43 -26.36
N SER B 115 4.62 -16.35 -26.32
CA SER B 115 5.90 -16.31 -25.57
C SER B 115 5.74 -15.78 -24.13
N VAL B 116 4.67 -15.02 -23.81
CA VAL B 116 4.57 -14.28 -22.50
C VAL B 116 3.39 -14.80 -21.66
N ALA B 117 2.32 -15.30 -22.27
CA ALA B 117 1.18 -15.90 -21.52
C ALA B 117 1.65 -17.16 -20.77
N ILE B 118 1.21 -17.35 -19.52
CA ILE B 118 1.54 -18.58 -18.72
C ILE B 118 0.46 -19.63 -19.02
N PHE B 119 0.67 -20.38 -20.08
CA PHE B 119 -0.19 -21.50 -20.50
C PHE B 119 -0.10 -22.60 -19.46
N SER B 120 1.10 -22.89 -18.95
CA SER B 120 1.30 -23.94 -17.92
C SER B 120 2.32 -23.48 -16.88
N ARG B 121 2.01 -23.72 -15.60
CA ARG B 121 2.94 -23.47 -14.48
C ARG B 121 4.15 -24.40 -14.60
N PHE B 122 4.09 -25.40 -15.47
CA PHE B 122 5.21 -26.35 -15.69
C PHE B 122 6.12 -25.89 -16.84
N LYS B 123 5.89 -24.73 -17.46
CA LYS B 123 6.74 -24.24 -18.58
C LYS B 123 6.99 -22.73 -18.46
N LYS B 124 8.24 -22.32 -18.67
CA LYS B 124 8.70 -20.90 -18.64
C LYS B 124 7.94 -20.08 -19.69
N ALA B 125 7.41 -18.94 -19.23
CA ALA B 125 7.04 -17.76 -20.05
C ALA B 125 8.20 -16.76 -20.04
N GLN B 126 8.32 -15.93 -21.08
CA GLN B 126 9.33 -14.85 -21.17
C GLN B 126 8.95 -13.73 -20.21
N PRO B 127 9.90 -13.16 -19.44
CA PRO B 127 9.64 -11.96 -18.67
C PRO B 127 9.52 -10.75 -19.61
N LEU B 128 8.83 -9.69 -19.19
CA LEU B 128 8.61 -8.51 -20.03
C LEU B 128 9.77 -7.55 -19.81
N PRO B 129 10.27 -6.88 -20.88
CA PRO B 129 11.20 -5.76 -20.70
C PRO B 129 10.46 -4.51 -20.20
N LYS B 130 11.20 -3.43 -19.96
CA LYS B 130 10.65 -2.09 -19.60
C LYS B 130 9.62 -1.70 -20.65
N LEU B 131 8.40 -1.36 -20.23
CA LEU B 131 7.31 -0.89 -21.12
C LEU B 131 7.01 0.59 -20.82
N LYS B 132 7.33 1.50 -21.75
CA LYS B 132 7.36 2.95 -21.44
C LYS B 132 6.00 3.60 -21.65
N THR B 133 5.02 2.96 -22.27
CA THR B 133 3.68 3.58 -22.45
C THR B 133 2.99 3.75 -21.09
N LYS B 134 2.67 4.99 -20.72
CA LYS B 134 1.97 5.33 -19.45
C LYS B 134 0.52 4.86 -19.53
N LEU B 135 0.04 4.17 -18.50
CA LEU B 135 -1.36 3.64 -18.46
C LEU B 135 -2.11 4.23 -17.27
N ILE B 136 -3.22 4.91 -17.55
CA ILE B 136 -4.15 5.47 -16.55
C ILE B 136 -5.42 4.62 -16.58
N ALA B 137 -5.66 3.89 -15.50
CA ALA B 137 -6.76 2.91 -15.37
C ALA B 137 -7.90 3.54 -14.57
N VAL B 138 -9.10 3.58 -15.18
CA VAL B 138 -10.29 4.26 -14.58
C VAL B 138 -11.40 3.22 -14.51
N PRO B 139 -11.44 2.40 -13.44
CA PRO B 139 -12.37 1.27 -13.37
C PRO B 139 -13.82 1.75 -13.16
N SER B 140 -14.74 1.12 -13.89
CA SER B 140 -16.19 1.46 -13.84
C SER B 140 -16.97 0.47 -12.97
N THR B 141 -16.36 -0.68 -12.65
CA THR B 141 -16.95 -1.72 -11.78
C THR B 141 -16.21 -1.76 -10.45
N SER B 142 -16.76 -2.52 -9.51
CA SER B 142 -16.32 -2.56 -8.10
C SER B 142 -16.31 -4.02 -7.60
N GLY B 143 -15.47 -4.90 -8.19
CA GLY B 143 -14.52 -4.58 -9.24
C GLY B 143 -13.40 -5.61 -9.36
N ALA B 144 -12.66 -5.57 -10.46
CA ALA B 144 -11.60 -6.56 -10.79
C ALA B 144 -10.32 -6.29 -10.01
N GLY B 145 -10.02 -5.03 -9.69
CA GLY B 145 -8.72 -4.63 -9.10
C GLY B 145 -7.61 -4.56 -10.14
N SER B 146 -7.94 -4.76 -11.44
CA SER B 146 -6.96 -4.67 -12.55
C SER B 146 -6.27 -3.29 -12.58
N GLU B 147 -6.87 -2.27 -11.98
CA GLU B 147 -6.32 -0.89 -12.02
C GLU B 147 -5.03 -0.83 -11.18
N VAL B 148 -4.80 -1.80 -10.30
CA VAL B 148 -3.50 -1.87 -9.55
C VAL B 148 -2.78 -3.19 -9.84
N SER B 149 -3.38 -4.18 -10.49
CA SER B 149 -2.76 -5.53 -10.57
C SER B 149 -1.65 -5.57 -11.63
N ALA B 150 -0.82 -6.61 -11.56
CA ALA B 150 0.29 -6.88 -12.51
C ALA B 150 -0.16 -7.83 -13.62
N ALA B 151 -1.46 -8.13 -13.70
CA ALA B 151 -2.03 -9.22 -14.52
C ALA B 151 -2.95 -8.63 -15.59
N THR B 152 -2.93 -9.27 -16.76
CA THR B 152 -4.01 -9.17 -17.76
C THR B 152 -4.53 -10.59 -18.04
N VAL B 153 -5.85 -10.71 -18.23
CA VAL B 153 -6.56 -12.01 -18.36
C VAL B 153 -7.18 -12.04 -19.76
N ILE B 154 -6.58 -12.84 -20.65
CA ILE B 154 -6.88 -12.86 -22.11
C ILE B 154 -7.28 -14.29 -22.47
N LYS B 155 -8.40 -14.46 -23.18
CA LYS B 155 -8.87 -15.80 -23.64
C LYS B 155 -8.08 -16.18 -24.89
N LYS B 156 -7.71 -17.45 -24.97
CA LYS B 156 -7.33 -18.15 -26.22
C LYS B 156 -8.09 -19.47 -26.25
N GLY B 157 -8.90 -19.68 -27.29
CA GLY B 157 -9.67 -20.93 -27.48
C GLY B 157 -10.64 -21.16 -26.33
N ASP B 158 -11.24 -20.08 -25.82
CA ASP B 158 -12.29 -20.12 -24.78
C ASP B 158 -11.70 -20.57 -23.42
N ILE B 159 -10.41 -20.31 -23.21
CA ILE B 159 -9.75 -20.49 -21.89
C ILE B 159 -9.00 -19.20 -21.52
N LYS B 160 -9.12 -18.76 -20.26
CA LYS B 160 -8.43 -17.54 -19.76
C LYS B 160 -7.01 -17.91 -19.35
N TYR B 161 -6.06 -17.17 -19.89
CA TYR B 161 -4.63 -17.23 -19.52
C TYR B 161 -4.23 -15.83 -19.08
N THR B 162 -3.10 -15.75 -18.38
CA THR B 162 -2.61 -14.46 -17.87
C THR B 162 -1.26 -14.15 -18.50
N ILE B 163 -1.00 -12.87 -18.67
CA ILE B 163 0.37 -12.28 -18.65
C ILE B 163 0.54 -11.54 -17.33
N VAL B 164 1.59 -11.87 -16.58
CA VAL B 164 1.84 -11.30 -15.23
C VAL B 164 3.24 -10.71 -15.20
N SER B 165 3.33 -9.42 -14.90
CA SER B 165 4.56 -8.60 -14.86
C SER B 165 4.27 -7.32 -14.09
N PRO B 166 5.16 -6.88 -13.19
CA PRO B 166 5.04 -5.54 -12.60
C PRO B 166 5.00 -4.41 -13.64
N GLU B 167 5.47 -4.69 -14.87
CA GLU B 167 5.45 -3.69 -15.98
C GLU B 167 4.01 -3.42 -16.40
N LEU B 168 3.07 -4.32 -16.13
CA LEU B 168 1.65 -4.11 -16.52
C LEU B 168 0.88 -3.34 -15.45
N CYS B 169 1.43 -3.20 -14.23
CA CYS B 169 0.81 -2.35 -13.17
C CYS B 169 0.56 -0.99 -13.78
N PRO B 170 -0.70 -0.50 -13.80
CA PRO B 170 -0.97 0.83 -14.29
C PRO B 170 -0.15 1.88 -13.52
N ASN B 171 0.22 2.96 -14.19
CA ASN B 171 0.96 4.10 -13.58
C ASN B 171 0.02 4.82 -12.60
N TYR B 172 -1.26 5.01 -12.99
CA TYR B 172 -2.29 5.70 -12.19
C TYR B 172 -3.61 4.93 -12.22
N ALA B 173 -4.32 4.94 -11.09
CA ALA B 173 -5.70 4.43 -10.96
C ALA B 173 -6.56 5.56 -10.42
N ILE B 174 -7.61 5.91 -11.15
CA ILE B 174 -8.59 6.95 -10.73
C ILE B 174 -9.87 6.21 -10.30
N LEU B 175 -10.17 6.29 -9.00
CA LEU B 175 -11.37 5.69 -8.38
C LEU B 175 -12.43 6.77 -8.14
N ASP B 176 -13.32 6.97 -9.12
CA ASP B 176 -14.38 8.01 -9.08
C ASP B 176 -15.72 7.29 -8.99
N PRO B 177 -16.35 7.30 -7.79
CA PRO B 177 -17.58 6.53 -7.51
C PRO B 177 -18.82 6.92 -8.34
N ARG B 178 -18.78 8.05 -9.05
CA ARG B 178 -19.84 8.41 -10.05
C ARG B 178 -19.96 7.30 -11.09
N LEU B 179 -18.86 6.62 -11.45
CA LEU B 179 -18.88 5.61 -12.54
C LEU B 179 -19.61 4.36 -12.04
N PRO B 180 -19.16 3.71 -10.93
CA PRO B 180 -19.78 2.48 -10.46
C PRO B 180 -21.21 2.64 -9.90
N GLU B 181 -21.59 3.86 -9.52
CA GLU B 181 -22.99 4.22 -9.20
C GLU B 181 -23.92 3.86 -10.37
N ASN B 182 -23.39 3.71 -11.58
CA ASN B 182 -24.23 3.42 -12.78
C ASN B 182 -24.33 1.92 -13.03
N MET B 183 -23.61 1.08 -12.28
CA MET B 183 -23.70 -0.39 -12.44
C MET B 183 -25.14 -0.79 -12.20
N PRO B 184 -25.76 -1.55 -13.12
CA PRO B 184 -26.98 -2.27 -12.80
C PRO B 184 -26.73 -3.30 -11.69
N ARG B 185 -27.81 -3.74 -11.04
CA ARG B 185 -27.76 -4.51 -9.77
C ARG B 185 -26.86 -5.74 -9.94
N GLU B 186 -27.06 -6.48 -11.02
CA GLU B 186 -26.36 -7.78 -11.27
C GLU B 186 -24.86 -7.53 -11.39
N VAL B 187 -24.48 -6.49 -12.11
CA VAL B 187 -23.04 -6.11 -12.30
C VAL B 187 -22.44 -5.70 -10.94
N ALA B 188 -23.17 -4.90 -10.16
CA ALA B 188 -22.79 -4.52 -8.78
C ALA B 188 -22.63 -5.79 -7.93
N ARG B 189 -23.55 -6.75 -8.05
CA ARG B 189 -23.45 -8.01 -7.27
C ARG B 189 -22.18 -8.76 -7.71
N ASN B 190 -22.08 -9.09 -9.00
CA ASN B 190 -21.02 -9.99 -9.54
C ASN B 190 -19.64 -9.43 -9.22
N SER B 191 -19.40 -8.14 -9.48
CA SER B 191 -18.07 -7.48 -9.29
C SER B 191 -17.80 -7.34 -7.78
N GLY B 192 -18.84 -7.12 -6.97
CA GLY B 192 -18.69 -7.03 -5.50
C GLY B 192 -18.27 -8.36 -4.87
N LEU B 193 -18.90 -9.45 -5.27
CA LEU B 193 -18.54 -10.81 -4.79
C LEU B 193 -17.12 -11.18 -5.26
N ASP B 194 -16.71 -10.71 -6.44
CA ASP B 194 -15.30 -10.87 -6.93
C ASP B 194 -14.31 -10.25 -5.95
N VAL B 195 -14.63 -9.08 -5.39
CA VAL B 195 -13.80 -8.40 -4.35
C VAL B 195 -13.60 -9.35 -3.17
N LEU B 196 -14.68 -9.98 -2.70
CA LEU B 196 -14.64 -10.91 -1.53
C LEU B 196 -13.83 -12.16 -1.89
N VAL B 197 -14.00 -12.69 -3.09
CA VAL B 197 -13.18 -13.83 -3.58
C VAL B 197 -11.69 -13.42 -3.57
N HIS B 198 -11.38 -12.27 -4.16
CA HIS B 198 -9.99 -11.74 -4.22
C HIS B 198 -9.44 -11.67 -2.80
N ALA B 199 -10.21 -11.05 -1.89
CA ALA B 199 -9.78 -10.75 -0.51
C ALA B 199 -9.48 -12.06 0.24
N ILE B 200 -10.33 -13.09 0.11
CA ILE B 200 -10.13 -14.37 0.84
C ILE B 200 -8.95 -15.16 0.24
N GLU B 201 -8.83 -15.20 -1.09
CA GLU B 201 -7.74 -15.96 -1.77
C GLU B 201 -6.40 -15.28 -1.48
N ALA B 202 -6.34 -13.94 -1.44
CA ALA B 202 -5.09 -13.19 -1.09
C ALA B 202 -4.69 -13.46 0.37
N TYR B 203 -5.66 -13.45 1.29
CA TYR B 203 -5.39 -13.67 2.73
C TYR B 203 -4.80 -15.08 2.97
N VAL B 204 -5.35 -16.13 2.36
CA VAL B 204 -5.01 -17.55 2.69
C VAL B 204 -3.87 -18.00 1.75
N SER B 205 -3.47 -17.12 0.83
CA SER B 205 -2.42 -17.41 -0.17
C SER B 205 -1.11 -17.74 0.56
N LYS B 206 -0.30 -18.62 -0.04
CA LYS B 206 1.05 -18.98 0.46
C LYS B 206 1.97 -17.76 0.44
N ALA B 207 1.63 -16.71 -0.30
CA ALA B 207 2.43 -15.47 -0.45
C ALA B 207 1.82 -14.29 0.33
N SER B 208 0.88 -14.57 1.24
CA SER B 208 0.28 -13.62 2.20
C SER B 208 1.37 -12.99 3.08
N THR B 209 1.22 -11.72 3.39
CA THR B 209 2.02 -11.02 4.43
C THR B 209 1.06 -10.20 5.28
N PRO B 210 1.53 -9.63 6.41
CA PRO B 210 0.69 -8.76 7.22
C PRO B 210 0.19 -7.51 6.46
N PHE B 211 0.97 -7.04 5.48
CA PHE B 211 0.64 -5.86 4.64
C PHE B 211 -0.53 -6.20 3.72
N SER B 212 -0.37 -7.24 2.89
CA SER B 212 -1.47 -7.67 2.00
C SER B 212 -2.69 -8.09 2.85
N ASP B 213 -2.46 -8.72 4.01
CA ASP B 213 -3.58 -9.19 4.87
C ASP B 213 -4.42 -8.00 5.35
N ALA B 214 -3.80 -6.90 5.77
CA ALA B 214 -4.51 -5.69 6.26
C ALA B 214 -5.49 -5.20 5.18
N MET B 215 -5.05 -5.13 3.93
CA MET B 215 -5.89 -4.67 2.78
C MET B 215 -7.01 -5.68 2.55
N ALA B 216 -6.71 -6.98 2.59
CA ALA B 216 -7.66 -8.06 2.26
C ALA B 216 -8.80 -8.10 3.29
N VAL B 217 -8.48 -7.99 4.58
CA VAL B 217 -9.48 -8.04 5.70
C VAL B 217 -10.43 -6.85 5.55
N LYS B 218 -9.89 -5.65 5.37
CA LYS B 218 -10.74 -4.44 5.28
C LYS B 218 -11.65 -4.57 4.04
N ALA B 219 -11.14 -5.12 2.93
CA ALA B 219 -11.93 -5.30 1.68
C ALA B 219 -13.05 -6.32 1.93
N ALA B 220 -12.73 -7.43 2.59
CA ALA B 220 -13.70 -8.50 2.91
C ALA B 220 -14.78 -7.94 3.84
N ARG B 221 -14.36 -7.19 4.86
CA ARG B 221 -15.28 -6.61 5.88
C ARG B 221 -16.27 -5.70 5.17
N THR B 222 -15.79 -4.91 4.19
CA THR B 222 -16.62 -3.92 3.45
C THR B 222 -17.66 -4.69 2.62
N ILE B 223 -17.26 -5.77 1.96
CA ILE B 223 -18.19 -6.56 1.10
C ILE B 223 -19.26 -7.23 1.98
N LEU B 224 -18.86 -7.85 3.11
CA LEU B 224 -19.80 -8.56 4.03
C LEU B 224 -20.79 -7.57 4.65
N GLU B 225 -20.37 -6.33 4.90
CA GLU B 225 -21.21 -5.31 5.59
C GLU B 225 -22.00 -4.44 4.59
N LYS B 226 -21.46 -4.15 3.40
CA LYS B 226 -21.99 -3.03 2.56
C LYS B 226 -22.53 -3.51 1.20
N LEU B 227 -22.16 -4.70 0.72
CA LEU B 227 -22.41 -5.05 -0.70
C LEU B 227 -23.92 -5.03 -0.98
N GLU B 228 -24.73 -5.55 -0.06
CA GLU B 228 -26.22 -5.58 -0.23
C GLU B 228 -26.77 -4.16 -0.27
N ASP B 229 -26.24 -3.28 0.58
CA ASP B 229 -26.63 -1.85 0.59
C ASP B 229 -26.29 -1.23 -0.77
N SER B 230 -25.10 -1.54 -1.31
CA SER B 230 -24.65 -1.03 -2.63
C SER B 230 -25.55 -1.57 -3.73
N VAL B 231 -25.76 -2.88 -3.78
CA VAL B 231 -26.67 -3.49 -4.81
C VAL B 231 -28.00 -2.72 -4.79
N ASN B 232 -28.45 -2.27 -3.61
CA ASN B 232 -29.76 -1.61 -3.39
C ASN B 232 -29.70 -0.10 -3.65
N GLY B 233 -28.54 0.42 -4.10
CA GLY B 233 -28.45 1.77 -4.67
C GLY B 233 -27.88 2.79 -3.69
N ASP B 234 -27.44 2.38 -2.51
CA ASP B 234 -26.83 3.26 -1.48
C ASP B 234 -25.57 3.86 -2.07
N PRO B 235 -25.50 5.21 -2.29
CA PRO B 235 -24.31 5.85 -2.86
C PRO B 235 -23.09 5.77 -1.92
N THR B 236 -23.31 5.79 -0.61
CA THR B 236 -22.23 5.62 0.40
C THR B 236 -21.56 4.25 0.22
N ALA B 237 -22.40 3.21 0.12
CA ALA B 237 -21.95 1.80 -0.02
C ALA B 237 -21.29 1.62 -1.41
N ARG B 238 -21.81 2.24 -2.47
CA ARG B 238 -21.13 2.17 -3.81
C ARG B 238 -19.69 2.68 -3.64
N GLU B 239 -19.52 3.86 -3.02
CA GLU B 239 -18.16 4.42 -2.82
C GLU B 239 -17.32 3.43 -2.01
N GLU B 240 -17.84 2.96 -0.88
CA GLU B 240 -17.07 2.05 0.03
C GLU B 240 -16.62 0.82 -0.73
N VAL B 241 -17.53 0.21 -1.49
CA VAL B 241 -17.26 -1.05 -2.23
C VAL B 241 -16.30 -0.75 -3.40
N HIS B 242 -16.40 0.41 -4.03
CA HIS B 242 -15.43 0.82 -5.08
C HIS B 242 -14.00 0.80 -4.52
N TYR B 243 -13.77 1.40 -3.36
CA TYR B 243 -12.42 1.45 -2.75
C TYR B 243 -12.05 0.06 -2.21
N ALA B 244 -13.03 -0.74 -1.81
CA ALA B 244 -12.77 -2.13 -1.35
C ALA B 244 -12.20 -2.96 -2.51
N ALA B 245 -12.71 -2.76 -3.72
CA ALA B 245 -12.27 -3.53 -4.91
C ALA B 245 -10.77 -3.28 -5.14
N THR B 246 -10.31 -2.04 -4.99
CA THR B 246 -8.88 -1.67 -5.18
C THR B 246 -8.07 -2.19 -3.97
N MET B 247 -8.63 -2.18 -2.76
CA MET B 247 -7.90 -2.74 -1.59
C MET B 247 -7.62 -4.22 -1.87
N ALA B 248 -8.63 -4.97 -2.35
CA ALA B 248 -8.49 -6.40 -2.66
C ALA B 248 -7.48 -6.55 -3.80
N GLY B 249 -7.47 -5.58 -4.71
CA GLY B 249 -6.45 -5.43 -5.77
C GLY B 249 -5.04 -5.32 -5.21
N ILE B 250 -4.82 -4.42 -4.26
CA ILE B 250 -3.49 -4.29 -3.59
C ILE B 250 -3.15 -5.64 -2.93
N ALA B 251 -4.13 -6.25 -2.28
CA ALA B 251 -3.95 -7.52 -1.55
C ALA B 251 -3.50 -8.62 -2.52
N PHE B 252 -4.16 -8.78 -3.67
CA PHE B 252 -3.85 -9.91 -4.61
C PHE B 252 -2.67 -9.57 -5.52
N LEU B 253 -2.40 -8.30 -5.81
CA LEU B 253 -1.16 -7.91 -6.52
C LEU B 253 0.03 -8.57 -5.79
N ASN B 254 -0.04 -8.60 -4.47
CA ASN B 254 1.05 -9.08 -3.59
C ASN B 254 0.84 -10.56 -3.24
N GLY B 255 -0.34 -10.91 -2.75
CA GLY B 255 -0.63 -12.25 -2.21
C GLY B 255 -0.91 -13.25 -3.31
N ARG B 256 -1.24 -12.77 -4.52
CA ARG B 256 -1.75 -13.59 -5.65
C ARG B 256 -3.14 -14.14 -5.28
N LEU B 257 -3.74 -14.90 -6.17
CA LEU B 257 -5.04 -15.58 -5.93
C LEU B 257 -4.75 -17.08 -5.79
N GLY B 258 -5.74 -17.93 -6.05
CA GLY B 258 -5.61 -19.36 -5.78
C GLY B 258 -6.53 -20.20 -6.63
N LEU B 259 -7.01 -21.30 -6.04
CA LEU B 259 -7.70 -22.37 -6.80
C LEU B 259 -9.03 -21.84 -7.35
N VAL B 260 -9.63 -20.80 -6.75
CA VAL B 260 -10.94 -20.27 -7.25
C VAL B 260 -10.71 -19.70 -8.66
N HIS B 261 -9.69 -18.85 -8.81
CA HIS B 261 -9.40 -18.15 -10.08
C HIS B 261 -8.81 -19.14 -11.11
N ALA B 262 -7.95 -20.06 -10.69
CA ALA B 262 -7.48 -21.15 -11.58
C ALA B 262 -8.70 -21.84 -12.20
N MET B 263 -9.72 -22.13 -11.38
CA MET B 263 -10.90 -22.91 -11.82
C MET B 263 -11.84 -22.04 -12.64
N SER B 264 -11.97 -20.75 -12.30
CA SER B 264 -12.84 -19.81 -13.05
C SER B 264 -12.18 -19.44 -14.39
N HIS B 265 -10.84 -19.42 -14.46
CA HIS B 265 -10.08 -19.15 -15.72
C HIS B 265 -10.42 -20.23 -16.77
N LYS B 266 -10.49 -21.48 -16.32
CA LYS B 266 -10.59 -22.67 -17.20
C LYS B 266 -12.06 -23.05 -17.39
N ALA B 267 -12.97 -22.36 -16.69
CA ALA B 267 -14.44 -22.45 -16.87
C ALA B 267 -14.96 -21.19 -17.54
N ALA B 268 -14.13 -20.49 -18.31
CA ALA B 268 -14.47 -19.20 -18.97
C ALA B 268 -15.48 -19.43 -20.09
N TRP B 269 -15.61 -20.68 -20.54
CA TRP B 269 -16.51 -21.09 -21.65
C TRP B 269 -17.98 -21.12 -21.18
N ILE B 270 -18.23 -20.98 -19.87
CA ILE B 270 -19.58 -20.79 -19.28
C ILE B 270 -20.01 -19.32 -19.46
N GLY B 271 -21.23 -19.11 -19.96
CA GLY B 271 -21.98 -17.84 -19.83
C GLY B 271 -23.30 -18.06 -19.07
N PRO B 272 -23.72 -17.11 -18.19
CA PRO B 272 -23.14 -15.77 -18.12
C PRO B 272 -21.70 -15.75 -17.56
N HIS B 273 -21.08 -14.57 -17.62
CA HIS B 273 -19.73 -14.27 -17.10
C HIS B 273 -19.86 -13.54 -15.75
N GLY B 274 -18.92 -13.77 -14.82
CA GLY B 274 -18.79 -13.02 -13.54
C GLY B 274 -19.39 -13.77 -12.36
N LEU B 275 -20.17 -14.82 -12.64
CA LEU B 275 -20.88 -15.65 -11.62
C LEU B 275 -19.92 -16.71 -11.05
N ILE B 276 -19.00 -17.25 -11.86
CA ILE B 276 -18.35 -18.56 -11.59
C ILE B 276 -17.41 -18.44 -10.39
N ASN B 277 -16.78 -17.28 -10.18
CA ASN B 277 -15.89 -17.04 -9.00
C ASN B 277 -16.73 -17.13 -7.72
N ALA B 278 -17.91 -16.50 -7.74
CA ALA B 278 -18.82 -16.40 -6.57
C ALA B 278 -19.41 -17.79 -6.28
N ILE B 279 -19.77 -18.53 -7.33
CA ILE B 279 -20.34 -19.91 -7.19
C ILE B 279 -19.28 -20.81 -6.55
N LEU B 280 -18.05 -20.77 -7.07
CA LEU B 280 -16.99 -21.76 -6.74
C LEU B 280 -16.43 -21.49 -5.35
N LEU B 281 -16.41 -20.22 -4.91
CA LEU B 281 -15.66 -19.80 -3.71
C LEU B 281 -15.96 -20.75 -2.55
N PRO B 282 -17.23 -20.87 -2.09
CA PRO B 282 -17.55 -21.67 -0.91
C PRO B 282 -16.99 -23.11 -1.01
N TYR B 283 -17.11 -23.74 -2.18
CA TYR B 283 -16.64 -25.13 -2.43
C TYR B 283 -15.13 -25.21 -2.32
N VAL B 284 -14.41 -24.18 -2.79
CA VAL B 284 -12.92 -24.18 -2.76
C VAL B 284 -12.47 -23.96 -1.31
N MET B 285 -13.14 -23.05 -0.60
CA MET B 285 -12.92 -22.81 0.86
C MET B 285 -13.06 -24.13 1.63
N GLU B 286 -14.13 -24.89 1.34
CA GLU B 286 -14.43 -26.15 2.08
C GLU B 286 -13.29 -27.13 1.81
N PHE B 287 -12.89 -27.27 0.55
CA PHE B 287 -11.73 -28.10 0.15
C PHE B 287 -10.47 -27.64 0.91
N ASN B 288 -10.06 -26.38 0.73
CA ASN B 288 -8.84 -25.83 1.35
C ASN B 288 -8.90 -25.99 2.88
N MET B 289 -10.08 -25.85 3.49
CA MET B 289 -10.21 -25.83 4.98
C MET B 289 -9.91 -27.22 5.56
N GLU B 290 -10.17 -28.29 4.80
CA GLU B 290 -9.92 -29.70 5.24
C GLU B 290 -8.47 -29.84 5.70
N LYS B 291 -7.52 -29.25 4.98
CA LYS B 291 -6.06 -29.51 5.15
C LYS B 291 -5.37 -28.27 5.72
N ALA B 292 -5.88 -27.08 5.41
CA ALA B 292 -5.19 -25.81 5.71
C ALA B 292 -6.20 -24.80 6.26
N ARG B 293 -6.78 -25.13 7.42
CA ARG B 293 -7.82 -24.33 8.10
C ARG B 293 -7.21 -23.01 8.62
N GLU B 294 -5.91 -23.02 8.91
CA GLU B 294 -5.22 -22.07 9.82
C GLU B 294 -5.55 -20.62 9.38
N LYS B 295 -5.31 -20.26 8.12
CA LYS B 295 -5.43 -18.85 7.66
C LYS B 295 -6.91 -18.44 7.53
N TYR B 296 -7.81 -19.37 7.21
CA TYR B 296 -9.28 -19.11 7.24
C TYR B 296 -9.70 -18.75 8.67
N ASP B 297 -9.17 -19.43 9.69
CA ASP B 297 -9.52 -19.17 11.11
C ASP B 297 -9.00 -17.78 11.51
N ALA B 298 -7.77 -17.47 11.12
CA ALA B 298 -7.12 -16.17 11.39
C ALA B 298 -7.96 -15.05 10.78
N MET B 299 -8.44 -15.26 9.54
CA MET B 299 -9.19 -14.23 8.79
C MET B 299 -10.54 -14.06 9.46
N ALA B 300 -11.23 -15.16 9.79
CA ALA B 300 -12.53 -15.13 10.52
C ALA B 300 -12.40 -14.28 11.79
N LYS B 301 -11.38 -14.53 12.61
CA LYS B 301 -11.19 -13.86 13.91
C LYS B 301 -10.85 -12.37 13.70
N GLU B 302 -10.06 -12.04 12.66
CA GLU B 302 -9.82 -10.63 12.25
C GLU B 302 -11.16 -9.96 11.94
N LEU B 303 -12.05 -10.69 11.25
CA LEU B 303 -13.39 -10.16 10.84
C LEU B 303 -14.37 -10.23 12.03
N GLY B 304 -13.88 -10.55 13.24
CA GLY B 304 -14.71 -10.59 14.46
C GLY B 304 -15.74 -11.69 14.43
N LEU B 305 -15.46 -12.77 13.67
CA LEU B 305 -16.22 -14.05 13.72
C LEU B 305 -15.50 -15.04 14.64
N SER B 306 -16.21 -16.05 15.13
CA SER B 306 -15.67 -17.01 16.13
C SER B 306 -14.65 -17.95 15.48
N ASN B 307 -14.80 -18.31 14.20
CA ASN B 307 -13.95 -19.38 13.59
C ASN B 307 -14.07 -19.47 12.05
N ALA B 308 -13.25 -20.32 11.44
CA ALA B 308 -13.23 -20.55 9.98
C ALA B 308 -14.61 -21.02 9.51
N GLU B 309 -15.26 -21.88 10.29
CA GLU B 309 -16.59 -22.44 9.94
C GLU B 309 -17.62 -21.30 9.81
N GLU B 310 -17.54 -20.24 10.63
CA GLU B 310 -18.53 -19.12 10.59
C GLU B 310 -18.28 -18.22 9.37
N LEU B 311 -17.03 -17.96 9.00
CA LEU B 311 -16.70 -17.18 7.77
C LEU B 311 -17.31 -17.89 6.56
N LEU B 312 -17.16 -19.21 6.48
CA LEU B 312 -17.70 -20.01 5.35
C LEU B 312 -19.21 -19.83 5.30
N GLN B 313 -19.85 -19.86 6.47
CA GLN B 313 -21.32 -19.71 6.59
C GLN B 313 -21.71 -18.31 6.11
N LYS B 314 -20.97 -17.27 6.52
CA LYS B 314 -21.26 -15.87 6.13
C LYS B 314 -21.15 -15.69 4.61
N VAL B 315 -20.18 -16.34 3.98
CA VAL B 315 -19.98 -16.30 2.49
C VAL B 315 -21.19 -16.93 1.83
N LYS B 316 -21.58 -18.12 2.30
CA LYS B 316 -22.74 -18.90 1.74
C LYS B 316 -24.03 -18.08 1.93
N GLU B 317 -24.20 -17.41 3.07
CA GLU B 317 -25.44 -16.64 3.38
C GLU B 317 -25.52 -15.41 2.45
N LEU B 318 -24.38 -14.76 2.17
CA LEU B 318 -24.33 -13.56 1.30
C LEU B 318 -24.73 -13.97 -0.13
N ASN B 319 -24.13 -15.05 -0.65
CA ASN B 319 -24.46 -15.63 -1.98
C ASN B 319 -25.97 -15.89 -2.06
N GLU B 320 -26.54 -16.49 -1.00
CA GLU B 320 -27.99 -16.85 -0.91
C GLU B 320 -28.83 -15.58 -0.99
N ARG B 321 -28.56 -14.60 -0.14
CA ARG B 321 -29.34 -13.34 -0.02
C ARG B 321 -29.25 -12.52 -1.34
N LEU B 322 -28.12 -12.57 -2.05
CA LEU B 322 -27.98 -11.83 -3.33
C LEU B 322 -28.32 -12.74 -4.53
N ASN B 323 -28.86 -13.94 -4.26
CA ASN B 323 -29.48 -14.83 -5.28
C ASN B 323 -28.45 -15.27 -6.32
N VAL B 324 -27.23 -15.59 -5.89
CA VAL B 324 -26.22 -16.23 -6.78
C VAL B 324 -26.81 -17.56 -7.24
N PRO B 325 -26.93 -17.79 -8.56
CA PRO B 325 -27.42 -19.08 -9.07
C PRO B 325 -26.51 -20.27 -8.70
N LYS B 326 -27.11 -21.46 -8.71
CA LYS B 326 -26.39 -22.76 -8.74
C LYS B 326 -25.76 -22.94 -10.13
N LEU B 327 -24.70 -23.73 -10.22
CA LEU B 327 -23.91 -23.96 -11.47
C LEU B 327 -24.78 -24.67 -12.50
N SER B 328 -25.72 -25.52 -12.08
CA SER B 328 -26.59 -26.35 -12.97
C SER B 328 -27.75 -25.53 -13.53
N GLU B 329 -27.86 -24.24 -13.16
CA GLU B 329 -28.79 -23.27 -13.79
C GLU B 329 -28.16 -22.70 -15.07
N ILE B 330 -26.82 -22.57 -15.12
CA ILE B 330 -26.11 -21.79 -16.18
C ILE B 330 -25.26 -22.69 -17.07
N VAL B 331 -25.47 -24.00 -17.04
CA VAL B 331 -24.73 -24.99 -17.90
C VAL B 331 -25.49 -26.32 -17.90
N SER B 332 -25.68 -26.95 -19.07
CA SER B 332 -26.31 -28.29 -19.16
C SER B 332 -25.38 -29.33 -18.50
N GLU B 333 -25.97 -30.37 -17.89
CA GLU B 333 -25.23 -31.58 -17.43
C GLU B 333 -24.48 -32.21 -18.61
N GLU B 334 -25.03 -32.09 -19.82
CA GLU B 334 -24.36 -32.50 -21.09
C GLU B 334 -23.00 -31.77 -21.19
N ASP B 335 -23.05 -30.46 -21.46
CA ASP B 335 -21.90 -29.52 -21.52
C ASP B 335 -20.89 -29.85 -20.42
N PHE B 336 -21.32 -29.77 -19.16
CA PHE B 336 -20.44 -29.84 -17.97
C PHE B 336 -19.61 -31.13 -18.05
N THR B 337 -20.28 -32.28 -17.95
CA THR B 337 -19.64 -33.61 -17.74
C THR B 337 -18.69 -33.91 -18.90
N SER B 338 -18.97 -33.31 -20.07
CA SER B 338 -18.24 -33.55 -21.34
C SER B 338 -16.86 -32.88 -21.29
N ARG B 339 -16.75 -31.71 -20.66
CA ARG B 339 -15.51 -30.88 -20.65
C ARG B 339 -14.80 -31.00 -19.30
N LEU B 340 -15.40 -31.70 -18.34
CA LEU B 340 -14.98 -31.72 -16.92
C LEU B 340 -13.53 -32.18 -16.82
N ASP B 341 -13.15 -33.23 -17.56
CA ASP B 341 -11.81 -33.87 -17.46
C ASP B 341 -10.74 -32.88 -17.94
N GLU B 342 -10.94 -32.27 -19.11
CA GLU B 342 -9.93 -31.38 -19.74
C GLU B 342 -9.81 -30.07 -18.93
N MET B 343 -10.95 -29.51 -18.52
CA MET B 343 -11.06 -28.31 -17.63
C MET B 343 -10.25 -28.52 -16.35
N SER B 344 -10.40 -29.69 -15.71
CA SER B 344 -9.72 -30.07 -14.45
C SER B 344 -8.20 -30.11 -14.69
N ARG B 345 -7.79 -30.73 -15.80
CA ARG B 345 -6.37 -30.88 -16.22
C ARG B 345 -5.76 -29.48 -16.44
N LYS B 346 -6.51 -28.57 -17.06
CA LYS B 346 -6.02 -27.23 -17.48
C LYS B 346 -6.02 -26.28 -16.28
N ALA B 347 -7.02 -26.39 -15.40
CA ALA B 347 -7.08 -25.64 -14.11
C ALA B 347 -5.87 -26.03 -13.24
N TYR B 348 -5.52 -27.31 -13.23
CA TYR B 348 -4.36 -27.88 -12.49
C TYR B 348 -3.06 -27.19 -12.94
N GLU B 349 -2.95 -26.83 -14.23
CA GLU B 349 -1.72 -26.25 -14.82
C GLU B 349 -1.68 -24.72 -14.62
N ASP B 350 -2.77 -24.12 -14.15
CA ASP B 350 -2.86 -22.65 -13.97
C ASP B 350 -1.88 -22.26 -12.87
N PRO B 351 -0.98 -21.28 -13.13
CA PRO B 351 0.02 -20.86 -12.15
C PRO B 351 -0.53 -20.48 -10.76
N LEU B 352 -1.76 -19.98 -10.71
CA LEU B 352 -2.46 -19.60 -9.45
C LEU B 352 -2.58 -20.79 -8.49
N VAL B 353 -2.50 -22.02 -9.00
CA VAL B 353 -2.53 -23.22 -8.13
C VAL B 353 -1.33 -23.17 -7.17
N ASN B 354 -0.20 -22.59 -7.58
CA ASN B 354 1.06 -22.58 -6.80
C ASN B 354 0.85 -21.80 -5.48
N PHE B 355 -0.15 -20.92 -5.43
CA PHE B 355 -0.37 -19.95 -4.33
C PHE B 355 -1.50 -20.42 -3.41
N ASN B 356 -2.35 -21.35 -3.86
CA ASN B 356 -3.41 -21.98 -3.03
C ASN B 356 -2.81 -22.62 -1.78
N PRO B 357 -3.42 -22.47 -0.57
CA PRO B 357 -2.82 -22.98 0.66
C PRO B 357 -2.57 -24.50 0.62
N VAL B 358 -3.30 -25.21 -0.24
CA VAL B 358 -3.23 -26.69 -0.43
C VAL B 358 -2.95 -26.97 -1.91
N GLU B 359 -2.00 -27.86 -2.20
CA GLU B 359 -1.71 -28.39 -3.56
C GLU B 359 -2.80 -29.38 -3.95
N PRO B 360 -3.67 -29.06 -4.93
CA PRO B 360 -4.70 -29.99 -5.37
C PRO B 360 -4.13 -30.97 -6.39
N SER B 361 -4.69 -32.18 -6.44
CA SER B 361 -4.61 -33.06 -7.63
C SER B 361 -5.62 -32.60 -8.67
N VAL B 362 -5.46 -33.06 -9.91
CA VAL B 362 -6.50 -32.93 -10.98
C VAL B 362 -7.84 -33.46 -10.43
N ASP B 363 -7.83 -34.64 -9.79
CA ASP B 363 -9.05 -35.32 -9.31
C ASP B 363 -9.74 -34.46 -8.24
N ASP B 364 -8.97 -33.85 -7.32
CA ASP B 364 -9.49 -32.91 -6.30
C ASP B 364 -10.29 -31.79 -7.00
N ILE B 365 -9.71 -31.19 -8.05
CA ILE B 365 -10.31 -30.06 -8.80
C ILE B 365 -11.59 -30.57 -9.50
N LYS B 366 -11.49 -31.73 -10.14
CA LYS B 366 -12.63 -32.47 -10.76
C LYS B 366 -13.79 -32.58 -9.75
N ASN B 367 -13.50 -32.95 -8.51
CA ASN B 367 -14.53 -33.22 -7.47
C ASN B 367 -15.10 -31.91 -6.91
N ILE B 368 -14.28 -30.84 -6.84
CA ILE B 368 -14.80 -29.47 -6.48
C ILE B 368 -15.82 -29.04 -7.55
N TYR B 369 -15.47 -29.12 -8.83
CA TYR B 369 -16.38 -28.83 -9.96
C TYR B 369 -17.65 -29.69 -9.84
N LEU B 370 -17.49 -30.99 -9.52
CA LEU B 370 -18.63 -31.95 -9.36
C LEU B 370 -19.53 -31.53 -8.19
N ARG B 371 -18.96 -31.21 -7.02
CA ARG B 371 -19.76 -30.75 -5.84
C ARG B 371 -20.54 -29.47 -6.18
N ALA B 372 -19.93 -28.55 -6.92
CA ALA B 372 -20.58 -27.31 -7.41
C ALA B 372 -21.78 -27.70 -8.29
N PHE B 373 -21.57 -28.56 -9.28
CA PHE B 373 -22.63 -28.92 -10.26
C PHE B 373 -23.80 -29.60 -9.53
N HIS B 374 -23.50 -30.40 -8.50
CA HIS B 374 -24.44 -31.41 -7.92
C HIS B 374 -25.13 -30.87 -6.64
N ASP B 375 -24.89 -29.61 -6.26
CA ASP B 375 -25.54 -28.98 -5.08
C ASP B 375 -26.96 -28.50 -5.47
#